data_1KRV
#
_entry.id   1KRV
#
_cell.length_a   66.300
_cell.length_b   183.800
_cell.length_c   121.500
_cell.angle_alpha   90.00
_cell.angle_beta   90.00
_cell.angle_gamma   90.00
#
_symmetry.space_group_name_H-M   'C 2 2 21'
#
loop_
_entity.id
_entity.type
_entity.pdbx_description
1 polymer 'GALACTOSIDE O-ACETYLTRANSFERASE'
2 non-polymer '4-nitrophenyl beta-D-galactopyranoside'
3 non-polymer 'COENZYME A'
4 water water
#
_entity_poly.entity_id   1
_entity_poly.type   'polypeptide(L)'
_entity_poly.pdbx_seq_one_letter_code
;MNMPMTERIRAGKLFTDMCEGLPEKRLRGKTLMYEFNHSHPSEVEKRESLIKEMFATVGENAWVEPPVYFSYGSNIHIGR
NFYANFNLTIVDDYTVTIGDNVLIAPNVTLSVTGHPVHHELRKNGEMYSFPITIGNNVWIGSHVVINPGVTIGDNSVIGA
GSIVTKDIPPNVVAAGVPCRVIREINDRDKHYYFKDYKVESSV
;
_entity_poly.pdbx_strand_id   A,B,C
#
loop_
_chem_comp.id
_chem_comp.type
_chem_comp.name
_chem_comp.formula
147 D-saccharide '4-nitrophenyl beta-D-galactopyranoside' 'C12 H15 N O8'
COA non-polymer 'COENZYME A' 'C21 H36 N7 O16 P3 S'
#
# COMPACT_ATOMS: atom_id res chain seq x y z
N ASN A 2 15.20 -33.37 -16.94
CA ASN A 2 13.77 -33.76 -17.18
C ASN A 2 12.96 -32.65 -17.88
N MET A 3 12.80 -31.53 -17.18
CA MET A 3 12.02 -30.37 -17.65
C MET A 3 12.52 -29.12 -16.90
N PRO A 4 13.46 -28.35 -17.50
CA PRO A 4 14.05 -27.13 -16.91
C PRO A 4 13.07 -26.11 -16.31
N MET A 5 13.44 -25.58 -15.16
CA MET A 5 12.64 -24.61 -14.43
C MET A 5 11.94 -23.53 -15.29
N THR A 6 12.65 -22.97 -16.26
CA THR A 6 12.08 -21.92 -17.10
C THR A 6 10.96 -22.42 -18.02
N GLU A 7 10.98 -23.71 -18.35
CA GLU A 7 9.95 -24.30 -19.20
C GLU A 7 8.66 -24.52 -18.39
N ARG A 8 8.80 -24.86 -17.12
CA ARG A 8 7.64 -25.07 -16.27
C ARG A 8 6.91 -23.74 -16.11
N ILE A 9 7.67 -22.65 -16.09
CA ILE A 9 7.11 -21.30 -15.95
C ILE A 9 6.11 -21.02 -17.07
N ARG A 10 6.55 -21.26 -18.29
CA ARG A 10 5.74 -21.04 -19.47
C ARG A 10 4.66 -22.08 -19.63
N ALA A 11 4.80 -23.20 -18.94
CA ALA A 11 3.82 -24.26 -19.01
C ALA A 11 2.80 -24.04 -17.90
N GLY A 12 3.15 -23.14 -16.99
CA GLY A 12 2.26 -22.84 -15.88
C GLY A 12 2.34 -23.90 -14.81
N LYS A 13 3.49 -24.56 -14.69
CA LYS A 13 3.68 -25.58 -13.67
C LYS A 13 4.34 -24.95 -12.45
N LEU A 14 4.40 -25.68 -11.33
CA LEU A 14 5.01 -25.15 -10.14
C LEU A 14 6.50 -25.09 -10.40
N PHE A 15 7.19 -24.11 -9.81
CA PHE A 15 8.62 -23.98 -10.02
C PHE A 15 9.27 -23.20 -8.90
N THR A 16 10.60 -23.16 -8.93
CA THR A 16 11.38 -22.43 -7.94
C THR A 16 12.38 -21.69 -8.81
N ASP A 17 12.88 -20.56 -8.33
CA ASP A 17 13.78 -19.76 -9.15
C ASP A 17 15.16 -19.43 -8.61
N MET A 18 15.87 -20.43 -8.07
CA MET A 18 17.21 -20.16 -7.57
C MET A 18 18.21 -20.83 -8.49
N CYS A 19 17.93 -20.79 -9.79
CA CYS A 19 18.82 -21.42 -10.78
C CYS A 19 18.60 -20.93 -12.22
N GLU A 20 19.44 -21.43 -13.12
CA GLU A 20 19.37 -21.08 -14.54
C GLU A 20 19.49 -19.56 -14.75
N GLY A 21 20.35 -18.94 -13.95
CA GLY A 21 20.58 -17.51 -14.07
C GLY A 21 19.42 -16.62 -13.68
N LEU A 22 18.33 -17.21 -13.18
CA LEU A 22 17.19 -16.42 -12.78
C LEU A 22 17.63 -15.41 -11.72
N PRO A 23 18.29 -15.87 -10.63
CA PRO A 23 18.73 -14.91 -9.61
C PRO A 23 19.56 -13.79 -10.24
N GLU A 24 20.48 -14.18 -11.12
CA GLU A 24 21.32 -13.20 -11.79
C GLU A 24 20.45 -12.15 -12.51
N LYS A 25 19.43 -12.61 -13.24
CA LYS A 25 18.54 -11.70 -13.97
C LYS A 25 17.91 -10.71 -13.00
N ARG A 26 17.40 -11.22 -11.89
CA ARG A 26 16.76 -10.37 -10.88
C ARG A 26 17.67 -9.25 -10.38
N LEU A 27 18.97 -9.54 -10.32
CA LEU A 27 19.97 -8.59 -9.85
C LEU A 27 20.14 -7.45 -10.85
N ARG A 28 20.33 -7.77 -12.13
CA ARG A 28 20.49 -6.71 -13.12
C ARG A 28 19.29 -5.77 -13.02
N GLY A 29 18.11 -6.36 -12.86
CA GLY A 29 16.89 -5.59 -12.78
C GLY A 29 16.72 -4.78 -11.51
N LYS A 30 17.06 -5.38 -10.38
CA LYS A 30 16.93 -4.69 -9.11
C LYS A 30 17.96 -3.56 -9.08
N THR A 31 19.02 -3.72 -9.88
CA THR A 31 20.08 -2.72 -9.97
C THR A 31 19.57 -1.47 -10.68
N LEU A 32 18.97 -1.65 -11.86
CA LEU A 32 18.45 -0.51 -12.60
C LEU A 32 17.32 0.13 -11.82
N MET A 33 16.55 -0.71 -11.16
CA MET A 33 15.42 -0.26 -10.36
C MET A 33 15.89 0.69 -9.26
N TYR A 34 17.01 0.34 -8.61
CA TYR A 34 17.57 1.13 -7.53
C TYR A 34 18.06 2.48 -8.02
N GLU A 35 18.73 2.46 -9.17
CA GLU A 35 19.21 3.70 -9.79
C GLU A 35 17.99 4.59 -10.04
N PHE A 36 16.90 3.98 -10.52
CA PHE A 36 15.68 4.72 -10.83
C PHE A 36 15.02 5.38 -9.63
N ASN A 37 14.82 4.60 -8.57
CA ASN A 37 14.15 5.09 -7.38
C ASN A 37 14.94 6.12 -6.58
N HIS A 38 16.26 6.03 -6.62
CA HIS A 38 17.08 6.98 -5.88
C HIS A 38 17.49 8.20 -6.68
N SER A 39 17.09 8.23 -7.95
CA SER A 39 17.40 9.34 -8.84
C SER A 39 16.68 10.64 -8.44
N HIS A 40 17.39 11.76 -8.53
CA HIS A 40 16.87 13.08 -8.19
C HIS A 40 15.79 13.53 -9.17
N PRO A 41 14.71 14.17 -8.67
CA PRO A 41 13.60 14.65 -9.50
C PRO A 41 14.02 15.35 -10.80
N SER A 42 15.16 16.04 -10.77
CA SER A 42 15.61 16.74 -11.97
C SER A 42 16.34 15.87 -12.99
N GLU A 43 16.63 14.62 -12.63
CA GLU A 43 17.32 13.69 -13.54
C GLU A 43 16.31 13.15 -14.54
N VAL A 44 15.66 14.07 -15.25
CA VAL A 44 14.64 13.69 -16.20
C VAL A 44 15.11 12.83 -17.36
N GLU A 45 16.26 13.16 -17.92
CA GLU A 45 16.78 12.38 -19.03
C GLU A 45 17.23 11.01 -18.54
N LYS A 46 17.94 10.96 -17.41
CA LYS A 46 18.41 9.69 -16.86
C LYS A 46 17.25 8.77 -16.56
N ARG A 47 16.19 9.35 -15.98
CA ARG A 47 14.97 8.63 -15.63
C ARG A 47 14.37 8.00 -16.86
N GLU A 48 14.32 8.78 -17.94
CA GLU A 48 13.74 8.33 -19.20
C GLU A 48 14.52 7.22 -19.88
N SER A 49 15.84 7.22 -19.84
CA SER A 49 16.58 6.14 -20.47
C SER A 49 16.55 4.97 -19.52
N LEU A 50 16.25 5.24 -18.26
CA LEU A 50 16.22 4.16 -17.28
C LEU A 50 14.99 3.30 -17.47
N ILE A 51 13.86 3.92 -17.77
CA ILE A 51 12.67 3.11 -17.95
C ILE A 51 12.72 2.36 -19.28
N LYS A 52 13.48 2.89 -20.23
CA LYS A 52 13.64 2.23 -21.53
C LYS A 52 14.49 0.99 -21.33
N GLU A 53 15.48 1.09 -20.44
CA GLU A 53 16.40 -0.01 -20.20
C GLU A 53 15.89 -1.08 -19.25
N MET A 54 15.06 -0.73 -18.27
CA MET A 54 14.61 -1.73 -17.31
C MET A 54 13.41 -2.59 -17.69
N PHE A 55 12.53 -2.08 -18.55
CA PHE A 55 11.35 -2.85 -18.96
C PHE A 55 11.60 -3.52 -20.29
N ALA A 56 10.94 -4.63 -20.53
CA ALA A 56 11.10 -5.36 -21.78
C ALA A 56 10.73 -4.52 -23.00
N THR A 57 9.65 -3.77 -22.87
CA THR A 57 9.16 -2.97 -23.97
C THR A 57 8.42 -1.75 -23.50
N VAL A 58 8.77 -0.59 -24.03
CA VAL A 58 8.09 0.62 -23.63
C VAL A 58 7.66 1.45 -24.84
N GLY A 59 6.41 1.89 -24.86
CA GLY A 59 5.94 2.71 -25.96
C GLY A 59 6.28 4.17 -25.72
N GLU A 60 6.06 5.00 -26.71
CA GLU A 60 6.39 6.41 -26.62
C GLU A 60 5.51 7.12 -25.59
N ASN A 61 6.02 8.22 -25.05
CA ASN A 61 5.34 9.04 -24.05
C ASN A 61 5.03 8.34 -22.74
N ALA A 62 5.91 7.44 -22.31
CA ALA A 62 5.70 6.72 -21.06
C ALA A 62 6.19 7.54 -19.87
N TRP A 63 5.60 7.30 -18.70
CA TRP A 63 6.02 8.01 -17.50
C TRP A 63 5.63 7.23 -16.26
N VAL A 64 6.66 6.90 -15.49
CA VAL A 64 6.51 6.17 -14.25
C VAL A 64 7.07 7.02 -13.10
N GLU A 65 6.19 7.39 -12.19
CA GLU A 65 6.58 8.17 -11.02
C GLU A 65 7.25 7.23 -10.00
N PRO A 66 8.53 7.47 -9.67
CA PRO A 66 9.17 6.58 -8.70
C PRO A 66 8.63 6.82 -7.29
N PRO A 67 8.81 5.84 -6.39
CA PRO A 67 9.51 4.59 -6.68
C PRO A 67 8.63 3.57 -7.42
N VAL A 68 9.29 2.59 -8.06
CA VAL A 68 8.61 1.53 -8.80
C VAL A 68 9.27 0.21 -8.35
N TYR A 69 8.47 -0.83 -8.12
CA TYR A 69 9.03 -2.11 -7.70
C TYR A 69 8.62 -3.27 -8.60
N PHE A 70 9.60 -4.09 -8.99
CA PHE A 70 9.33 -5.25 -9.82
C PHE A 70 10.31 -6.37 -9.49
N SER A 71 10.08 -7.55 -10.06
CA SER A 71 10.96 -8.68 -9.83
C SER A 71 12.11 -8.75 -10.82
N TYR A 72 11.81 -8.67 -12.13
CA TYR A 72 12.84 -8.71 -13.16
C TYR A 72 12.76 -7.43 -13.95
N GLY A 73 11.55 -7.07 -14.34
CA GLY A 73 11.37 -5.85 -15.11
C GLY A 73 11.37 -6.14 -16.59
N SER A 74 12.16 -7.13 -17.02
CA SER A 74 12.27 -7.51 -18.42
C SER A 74 11.13 -8.41 -18.96
N ASN A 75 10.15 -8.70 -18.11
CA ASN A 75 9.00 -9.51 -18.52
C ASN A 75 7.80 -8.58 -18.63
N ILE A 76 8.07 -7.29 -18.47
CA ILE A 76 7.00 -6.29 -18.52
C ILE A 76 6.99 -5.59 -19.86
N HIS A 77 5.83 -5.65 -20.52
CA HIS A 77 5.64 -5.02 -21.81
C HIS A 77 4.57 -3.94 -21.69
N ILE A 78 4.94 -2.71 -22.05
CA ILE A 78 4.08 -1.54 -21.94
C ILE A 78 3.88 -0.80 -23.27
N GLY A 79 2.64 -0.32 -23.48
CA GLY A 79 2.32 0.38 -24.70
C GLY A 79 2.66 1.86 -24.71
N ARG A 80 1.83 2.64 -25.40
CA ARG A 80 2.02 4.07 -25.54
C ARG A 80 1.30 4.89 -24.49
N ASN A 81 1.81 6.09 -24.26
CA ASN A 81 1.23 7.02 -23.30
C ASN A 81 0.87 6.36 -21.97
N PHE A 82 1.81 5.59 -21.44
CA PHE A 82 1.60 4.91 -20.18
C PHE A 82 1.91 5.84 -19.03
N TYR A 83 1.04 5.87 -18.03
CA TYR A 83 1.30 6.70 -16.86
C TYR A 83 1.02 5.92 -15.57
N ALA A 84 2.00 5.90 -14.67
CA ALA A 84 1.86 5.20 -13.39
C ALA A 84 2.25 6.17 -12.28
N ASN A 85 1.45 6.23 -11.22
CA ASN A 85 1.77 7.11 -10.10
C ASN A 85 2.74 6.43 -9.12
N PHE A 86 2.86 6.94 -7.90
CA PHE A 86 3.81 6.36 -6.92
C PHE A 86 3.59 4.89 -6.54
N ASN A 87 4.69 4.24 -6.18
CA ASN A 87 4.65 2.86 -5.74
C ASN A 87 3.89 1.83 -6.56
N LEU A 88 4.27 1.67 -7.82
CA LEU A 88 3.63 0.66 -8.63
C LEU A 88 4.48 -0.59 -8.39
N THR A 89 3.83 -1.69 -8.02
CA THR A 89 4.53 -2.95 -7.77
C THR A 89 4.09 -3.97 -8.81
N ILE A 90 5.05 -4.59 -9.48
CA ILE A 90 4.73 -5.59 -10.50
C ILE A 90 5.62 -6.78 -10.31
N VAL A 91 5.04 -7.89 -9.88
CA VAL A 91 5.81 -9.10 -9.67
C VAL A 91 5.73 -9.79 -11.00
N ASP A 92 6.83 -9.72 -11.75
CA ASP A 92 6.88 -10.30 -13.08
C ASP A 92 7.82 -11.47 -13.26
N ASP A 93 7.47 -12.61 -12.69
CA ASP A 93 8.28 -13.81 -12.85
C ASP A 93 7.94 -14.33 -14.21
N TYR A 94 6.88 -13.75 -14.76
CA TYR A 94 6.43 -14.08 -16.09
C TYR A 94 5.84 -12.84 -16.76
N THR A 95 5.44 -13.00 -18.03
CA THR A 95 4.93 -11.88 -18.80
C THR A 95 3.79 -11.06 -18.20
N VAL A 96 3.93 -9.75 -18.33
CA VAL A 96 2.92 -8.80 -17.87
C VAL A 96 2.82 -7.86 -19.09
N THR A 97 1.60 -7.69 -19.59
CA THR A 97 1.37 -6.88 -20.78
C THR A 97 0.37 -5.78 -20.53
N ILE A 98 0.80 -4.54 -20.74
CA ILE A 98 -0.06 -3.38 -20.56
C ILE A 98 -0.25 -2.70 -21.91
N GLY A 99 -1.50 -2.43 -22.26
CA GLY A 99 -1.79 -1.82 -23.53
C GLY A 99 -1.55 -0.34 -23.66
N ASP A 100 -2.29 0.29 -24.55
CA ASP A 100 -2.12 1.71 -24.78
C ASP A 100 -3.00 2.60 -23.91
N ASN A 101 -2.47 3.78 -23.61
CA ASN A 101 -3.16 4.79 -22.81
C ASN A 101 -3.67 4.28 -21.48
N VAL A 102 -2.82 3.54 -20.78
CA VAL A 102 -3.17 2.96 -19.49
C VAL A 102 -2.81 3.93 -18.36
N LEU A 103 -3.73 4.10 -17.42
CA LEU A 103 -3.53 4.98 -16.28
C LEU A 103 -3.57 4.21 -14.97
N ILE A 104 -2.51 4.31 -14.19
CA ILE A 104 -2.45 3.60 -12.90
C ILE A 104 -2.23 4.59 -11.78
N ALA A 105 -3.14 4.54 -10.80
CA ALA A 105 -3.08 5.43 -9.65
C ALA A 105 -1.99 4.95 -8.69
N PRO A 106 -1.77 5.68 -7.59
CA PRO A 106 -0.76 5.32 -6.59
C PRO A 106 -1.02 3.99 -5.88
N ASN A 107 0.06 3.28 -5.58
CA ASN A 107 0.01 2.01 -4.86
C ASN A 107 -0.91 0.96 -5.46
N VAL A 108 -0.45 0.39 -6.56
CA VAL A 108 -1.19 -0.65 -7.25
C VAL A 108 -0.23 -1.83 -7.26
N THR A 109 -0.76 -3.03 -7.19
CA THR A 109 0.11 -4.19 -7.21
C THR A 109 -0.35 -5.20 -8.23
N LEU A 110 0.56 -5.58 -9.10
CA LEU A 110 0.27 -6.53 -10.14
C LEU A 110 1.15 -7.71 -9.88
N SER A 111 0.56 -8.90 -9.86
CA SER A 111 1.38 -10.09 -9.64
C SER A 111 0.88 -11.29 -10.42
N VAL A 112 1.78 -11.86 -11.21
CA VAL A 112 1.44 -13.04 -12.00
C VAL A 112 1.72 -14.31 -11.18
N THR A 113 2.40 -14.13 -10.06
CA THR A 113 2.78 -15.23 -9.19
C THR A 113 1.91 -15.43 -7.96
N GLY A 114 1.72 -16.69 -7.60
CA GLY A 114 0.93 -17.06 -6.44
C GLY A 114 1.59 -18.32 -5.93
N HIS A 115 1.13 -18.79 -4.76
CA HIS A 115 1.74 -19.99 -4.20
C HIS A 115 0.65 -21.02 -3.99
N PRO A 116 0.99 -22.31 -4.09
CA PRO A 116 -0.03 -23.34 -3.89
C PRO A 116 -0.58 -23.18 -2.47
N VAL A 117 -1.90 -23.19 -2.34
CA VAL A 117 -2.57 -23.03 -1.05
C VAL A 117 -2.17 -24.11 -0.05
N HIS A 118 -1.98 -25.34 -0.52
CA HIS A 118 -1.61 -26.42 0.40
C HIS A 118 -0.13 -26.37 0.80
N HIS A 119 0.14 -26.13 2.09
CA HIS A 119 1.51 -26.03 2.59
C HIS A 119 2.48 -27.14 2.15
N GLU A 120 1.94 -28.26 1.67
CA GLU A 120 2.76 -29.37 1.21
C GLU A 120 3.41 -29.04 -0.14
N LEU A 121 2.62 -28.50 -1.06
CA LEU A 121 3.13 -28.14 -2.38
C LEU A 121 4.13 -26.99 -2.35
N ARG A 122 4.03 -26.12 -1.34
CA ARG A 122 4.93 -24.97 -1.27
C ARG A 122 5.97 -25.09 -0.16
N LYS A 123 6.35 -26.32 0.17
CA LYS A 123 7.33 -26.54 1.23
C LYS A 123 8.60 -25.73 0.97
N ASN A 124 8.96 -25.61 -0.31
CA ASN A 124 10.16 -24.89 -0.74
C ASN A 124 9.84 -23.60 -1.47
N GLY A 125 8.75 -22.96 -1.07
CA GLY A 125 8.35 -21.71 -1.69
C GLY A 125 8.07 -21.88 -3.18
N GLU A 126 7.54 -23.05 -3.54
CA GLU A 126 7.21 -23.32 -4.94
C GLU A 126 6.18 -22.29 -5.37
N MET A 127 6.21 -21.94 -6.64
CA MET A 127 5.30 -20.93 -7.16
C MET A 127 4.76 -21.26 -8.55
N TYR A 128 3.78 -20.48 -9.00
CA TYR A 128 3.20 -20.64 -10.32
C TYR A 128 2.96 -19.23 -10.85
N SER A 129 3.20 -19.03 -12.14
CA SER A 129 3.01 -17.72 -12.76
C SER A 129 2.08 -17.77 -13.94
N PHE A 130 1.15 -16.82 -13.97
CA PHE A 130 0.18 -16.71 -15.05
C PHE A 130 0.08 -15.26 -15.51
N PRO A 131 0.54 -15.02 -16.75
CA PRO A 131 0.58 -13.72 -17.42
C PRO A 131 -0.65 -12.85 -17.25
N ILE A 132 -0.41 -11.56 -17.00
CA ILE A 132 -1.50 -10.60 -16.83
C ILE A 132 -1.55 -9.73 -18.08
N THR A 133 -2.78 -9.46 -18.53
CA THR A 133 -3.02 -8.66 -19.72
C THR A 133 -3.97 -7.54 -19.43
N ILE A 134 -3.50 -6.31 -19.65
CA ILE A 134 -4.31 -5.11 -19.43
C ILE A 134 -4.61 -4.43 -20.77
N GLY A 135 -5.89 -4.26 -21.06
CA GLY A 135 -6.31 -3.67 -22.32
C GLY A 135 -5.89 -2.22 -22.52
N ASN A 136 -6.40 -1.62 -23.59
CA ASN A 136 -6.10 -0.24 -23.93
C ASN A 136 -7.08 0.64 -23.20
N ASN A 137 -6.68 1.89 -22.97
CA ASN A 137 -7.51 2.88 -22.29
C ASN A 137 -8.10 2.41 -20.96
N VAL A 138 -7.30 1.66 -20.20
CA VAL A 138 -7.70 1.13 -18.90
C VAL A 138 -7.25 2.00 -17.73
N TRP A 139 -8.16 2.33 -16.82
CA TRP A 139 -7.79 3.12 -15.68
C TRP A 139 -7.95 2.35 -14.38
N ILE A 140 -6.84 2.08 -13.71
CA ILE A 140 -6.85 1.34 -12.46
C ILE A 140 -6.74 2.32 -11.30
N GLY A 141 -7.68 2.23 -10.37
CA GLY A 141 -7.70 3.12 -9.22
C GLY A 141 -6.67 2.77 -8.19
N SER A 142 -6.61 3.56 -7.14
CA SER A 142 -5.64 3.36 -6.06
C SER A 142 -5.78 2.10 -5.24
N HIS A 143 -4.63 1.58 -4.82
CA HIS A 143 -4.57 0.39 -3.99
C HIS A 143 -5.19 -0.89 -4.56
N VAL A 144 -5.39 -0.97 -5.86
CA VAL A 144 -5.99 -2.16 -6.45
C VAL A 144 -4.94 -3.25 -6.47
N VAL A 145 -5.37 -4.50 -6.59
CA VAL A 145 -4.47 -5.64 -6.67
C VAL A 145 -4.98 -6.55 -7.80
N ILE A 146 -4.10 -6.89 -8.73
CA ILE A 146 -4.46 -7.74 -9.82
C ILE A 146 -3.72 -9.06 -9.63
N ASN A 147 -4.49 -10.12 -9.47
CA ASN A 147 -3.93 -11.44 -9.25
C ASN A 147 -3.53 -12.13 -10.54
N PRO A 148 -2.81 -13.26 -10.44
CA PRO A 148 -2.33 -14.05 -11.60
C PRO A 148 -3.33 -14.43 -12.71
N GLY A 149 -2.85 -14.47 -13.95
CA GLY A 149 -3.68 -14.84 -15.11
C GLY A 149 -4.83 -13.92 -15.46
N VAL A 150 -5.02 -12.85 -14.70
CA VAL A 150 -6.12 -11.95 -14.97
C VAL A 150 -6.02 -11.20 -16.30
N THR A 151 -7.17 -10.85 -16.86
CA THR A 151 -7.20 -10.09 -18.12
C THR A 151 -8.26 -9.01 -17.96
N ILE A 152 -7.89 -7.74 -18.16
CA ILE A 152 -8.83 -6.62 -18.06
C ILE A 152 -9.08 -6.12 -19.47
N GLY A 153 -10.33 -6.16 -19.91
CA GLY A 153 -10.68 -5.72 -21.25
C GLY A 153 -10.53 -4.23 -21.47
N ASP A 154 -10.33 -3.87 -22.74
CA ASP A 154 -10.15 -2.48 -23.16
C ASP A 154 -11.22 -1.53 -22.64
N ASN A 155 -10.79 -0.29 -22.33
CA ASN A 155 -11.66 0.78 -21.86
C ASN A 155 -12.26 0.69 -20.46
N SER A 156 -11.91 -0.37 -19.73
CA SER A 156 -12.46 -0.55 -18.40
C SER A 156 -11.80 0.22 -17.29
N VAL A 157 -12.58 0.41 -16.24
CA VAL A 157 -12.15 1.12 -15.07
C VAL A 157 -12.21 0.20 -13.86
N ILE A 158 -11.11 0.11 -13.12
CA ILE A 158 -11.07 -0.71 -11.92
C ILE A 158 -11.06 0.25 -10.72
N GLY A 159 -12.18 0.32 -10.02
CA GLY A 159 -12.32 1.21 -8.88
C GLY A 159 -11.24 1.04 -7.81
N ALA A 160 -11.08 2.07 -6.97
CA ALA A 160 -10.07 2.02 -5.92
C ALA A 160 -10.30 0.87 -4.97
N GLY A 161 -9.20 0.23 -4.57
CA GLY A 161 -9.27 -0.85 -3.61
C GLY A 161 -9.85 -2.19 -4.01
N SER A 162 -10.05 -2.45 -5.29
CA SER A 162 -10.61 -3.75 -5.65
C SER A 162 -9.55 -4.80 -5.85
N ILE A 163 -9.88 -6.02 -5.46
CA ILE A 163 -8.96 -7.13 -5.65
C ILE A 163 -9.50 -7.87 -6.88
N VAL A 164 -8.71 -7.86 -7.95
CA VAL A 164 -9.13 -8.51 -9.18
C VAL A 164 -8.61 -9.94 -9.24
N THR A 165 -9.54 -10.88 -9.12
CA THR A 165 -9.21 -12.31 -9.16
C THR A 165 -9.72 -13.00 -10.41
N LYS A 166 -10.57 -12.30 -11.15
CA LYS A 166 -11.19 -12.81 -12.39
C LYS A 166 -11.15 -11.77 -13.51
N ASP A 167 -11.06 -12.25 -14.75
CA ASP A 167 -11.03 -11.40 -15.95
C ASP A 167 -12.14 -10.36 -15.90
N ILE A 168 -11.85 -9.15 -16.34
CA ILE A 168 -12.86 -8.10 -16.38
C ILE A 168 -13.15 -7.84 -17.84
N PRO A 169 -14.43 -7.88 -18.24
CA PRO A 169 -14.78 -7.62 -19.65
C PRO A 169 -14.52 -6.16 -20.03
N PRO A 170 -14.36 -5.87 -21.32
CA PRO A 170 -14.13 -4.47 -21.71
C PRO A 170 -15.38 -3.60 -21.56
N ASN A 171 -15.18 -2.29 -21.48
CA ASN A 171 -16.28 -1.33 -21.37
C ASN A 171 -17.12 -1.43 -20.11
N VAL A 172 -16.48 -1.77 -19.01
CA VAL A 172 -17.21 -1.87 -17.76
C VAL A 172 -16.50 -1.22 -16.57
N VAL A 173 -17.31 -0.78 -15.61
CA VAL A 173 -16.80 -0.21 -14.39
C VAL A 173 -16.85 -1.37 -13.42
N ALA A 174 -15.69 -1.85 -13.00
CA ALA A 174 -15.64 -2.97 -12.07
C ALA A 174 -15.08 -2.49 -10.73
N ALA A 175 -15.53 -3.10 -9.64
CA ALA A 175 -15.06 -2.70 -8.33
C ALA A 175 -15.40 -3.77 -7.29
N GLY A 176 -14.90 -3.59 -6.08
CA GLY A 176 -15.23 -4.55 -5.04
C GLY A 176 -14.16 -5.52 -4.63
N VAL A 177 -14.41 -6.17 -3.50
CA VAL A 177 -13.51 -7.15 -2.94
C VAL A 177 -14.28 -8.44 -2.70
N PRO A 178 -14.19 -9.40 -3.62
CA PRO A 178 -13.41 -9.39 -4.86
C PRO A 178 -14.07 -8.54 -5.94
N CYS A 179 -13.26 -7.99 -6.82
CA CYS A 179 -13.77 -7.17 -7.91
C CYS A 179 -14.94 -7.85 -8.64
N ARG A 180 -15.98 -7.07 -8.94
CA ARG A 180 -17.18 -7.53 -9.66
C ARG A 180 -17.65 -6.46 -10.62
N VAL A 181 -18.26 -6.85 -11.73
CA VAL A 181 -18.73 -5.84 -12.66
C VAL A 181 -19.90 -5.11 -12.01
N ILE A 182 -19.90 -3.77 -12.00
CA ILE A 182 -21.04 -3.07 -11.40
C ILE A 182 -21.96 -2.45 -12.44
N ARG A 183 -21.44 -2.21 -13.65
CA ARG A 183 -22.22 -1.61 -14.73
C ARG A 183 -21.40 -1.39 -15.99
N GLU A 184 -22.08 -1.16 -17.10
CA GLU A 184 -21.38 -0.95 -18.36
C GLU A 184 -21.21 0.54 -18.61
N ILE A 185 -20.11 0.93 -19.25
CA ILE A 185 -19.93 2.34 -19.55
C ILE A 185 -20.84 2.65 -20.74
N ASN A 186 -21.83 3.52 -20.53
CA ASN A 186 -22.78 3.90 -21.58
C ASN A 186 -22.40 5.21 -22.26
N ASP A 187 -23.43 5.95 -22.68
CA ASP A 187 -23.22 7.23 -23.33
C ASP A 187 -23.43 8.35 -22.35
N ARG A 188 -24.09 8.05 -21.23
CA ARG A 188 -24.27 9.08 -20.22
C ARG A 188 -22.88 9.42 -19.68
N ASP A 189 -21.97 8.45 -19.73
CA ASP A 189 -20.61 8.64 -19.26
C ASP A 189 -19.83 9.51 -20.21
N LYS A 190 -20.49 9.92 -21.29
CA LYS A 190 -19.89 10.79 -22.30
C LYS A 190 -20.28 12.25 -22.06
N HIS A 191 -21.21 12.46 -21.12
CA HIS A 191 -21.68 13.80 -20.75
C HIS A 191 -21.34 14.09 -19.28
N TYR A 192 -21.63 13.13 -18.42
CA TYR A 192 -21.35 13.28 -17.00
C TYR A 192 -20.00 12.67 -16.68
N TYR A 193 -19.07 13.46 -16.12
CA TYR A 193 -17.76 12.90 -15.80
C TYR A 193 -17.59 12.53 -14.32
N PHE A 194 -18.09 13.37 -13.43
CA PHE A 194 -18.02 13.09 -12.00
C PHE A 194 -19.32 13.46 -11.33
N LYS A 195 -19.88 12.49 -10.61
CA LYS A 195 -21.15 12.67 -9.91
C LYS A 195 -22.16 13.45 -10.77
N ASP A 196 -22.45 14.70 -10.37
CA ASP A 196 -23.43 15.53 -11.07
C ASP A 196 -22.84 16.55 -12.06
N TYR A 197 -21.59 16.33 -12.48
CA TYR A 197 -20.92 17.24 -13.40
C TYR A 197 -20.95 16.82 -14.86
N LYS A 198 -21.63 17.64 -15.67
CA LYS A 198 -21.73 17.40 -17.10
C LYS A 198 -20.61 18.14 -17.82
N VAL A 199 -20.44 17.85 -19.12
CA VAL A 199 -19.41 18.47 -19.93
C VAL A 199 -19.96 18.92 -21.28
N GLU A 200 -20.13 20.24 -21.40
CA GLU A 200 -20.61 20.95 -22.58
C GLU A 200 -19.80 20.55 -23.82
N SER A 201 -20.36 19.61 -24.58
CA SER A 201 -19.69 19.03 -25.75
C SER A 201 -18.76 19.92 -26.48
N SER A 202 -19.18 21.12 -26.84
CA SER A 202 -18.25 21.84 -27.67
C SER A 202 -16.82 22.01 -27.22
N ASN B 2 -9.52 31.66 -23.38
CA ASN B 2 -10.90 31.19 -23.07
C ASN B 2 -11.12 31.08 -21.56
N MET B 3 -10.45 30.10 -20.95
CA MET B 3 -10.50 29.83 -19.50
C MET B 3 -9.23 29.02 -19.17
N PRO B 4 -8.25 29.65 -18.49
CA PRO B 4 -7.00 28.95 -18.15
C PRO B 4 -7.13 27.69 -17.27
N MET B 5 -6.21 26.76 -17.49
CA MET B 5 -6.16 25.50 -16.75
C MET B 5 -6.34 25.60 -15.23
N THR B 6 -5.69 26.56 -14.61
CA THR B 6 -5.79 26.72 -13.16
C THR B 6 -7.18 27.16 -12.71
N GLU B 7 -7.99 27.66 -13.64
CA GLU B 7 -9.32 28.11 -13.30
C GLU B 7 -10.32 26.97 -13.41
N ARG B 8 -10.04 26.04 -14.31
CA ARG B 8 -10.92 24.90 -14.46
C ARG B 8 -10.79 24.08 -13.18
N ILE B 9 -9.58 23.99 -12.66
CA ILE B 9 -9.34 23.24 -11.44
C ILE B 9 -10.23 23.70 -10.31
N ARG B 10 -10.23 24.99 -10.05
CA ARG B 10 -11.03 25.53 -8.97
C ARG B 10 -12.53 25.44 -9.28
N ALA B 11 -12.85 25.37 -10.57
CA ALA B 11 -14.25 25.27 -11.00
C ALA B 11 -14.70 23.80 -11.09
N GLY B 12 -13.77 22.88 -10.82
CA GLY B 12 -14.10 21.46 -10.86
C GLY B 12 -14.36 20.95 -12.27
N LYS B 13 -13.66 21.51 -13.24
CA LYS B 13 -13.82 21.09 -14.62
C LYS B 13 -12.59 20.28 -15.02
N LEU B 14 -12.71 19.55 -16.12
CA LEU B 14 -11.61 18.74 -16.59
C LEU B 14 -10.49 19.67 -17.00
N PHE B 15 -9.25 19.25 -16.74
CA PHE B 15 -8.05 20.03 -17.05
C PHE B 15 -6.85 19.12 -17.22
N THR B 16 -5.75 19.72 -17.64
CA THR B 16 -4.49 18.99 -17.81
C THR B 16 -3.52 19.88 -17.09
N ASP B 17 -2.31 19.40 -16.80
CA ASP B 17 -1.42 20.27 -16.05
C ASP B 17 0.00 20.42 -16.54
N MET B 18 0.18 20.42 -17.85
CA MET B 18 1.52 20.56 -18.40
C MET B 18 1.75 22.00 -18.85
N CYS B 19 1.27 22.96 -18.06
CA CYS B 19 1.44 24.36 -18.41
C CYS B 19 1.15 25.33 -17.26
N GLU B 20 1.38 26.61 -17.52
CA GLU B 20 1.16 27.67 -16.55
C GLU B 20 2.01 27.50 -15.30
N GLY B 21 3.14 26.83 -15.45
CA GLY B 21 4.01 26.65 -14.32
C GLY B 21 3.66 25.49 -13.41
N LEU B 22 2.52 24.83 -13.67
CA LEU B 22 2.14 23.69 -12.86
C LEU B 22 3.30 22.68 -12.81
N PRO B 23 3.92 22.40 -13.97
CA PRO B 23 5.04 21.45 -14.02
C PRO B 23 6.17 21.91 -13.11
N GLU B 24 6.48 23.20 -13.20
CA GLU B 24 7.53 23.79 -12.39
C GLU B 24 7.24 23.63 -10.91
N LYS B 25 6.00 23.95 -10.51
CA LYS B 25 5.61 23.85 -9.13
C LYS B 25 5.88 22.45 -8.59
N ARG B 26 5.50 21.45 -9.35
CA ARG B 26 5.68 20.06 -8.94
C ARG B 26 7.16 19.77 -8.78
N LEU B 27 7.98 20.36 -9.63
CA LEU B 27 9.40 20.13 -9.53
C LEU B 27 9.99 20.64 -8.23
N ARG B 28 9.54 21.80 -7.76
CA ARG B 28 10.06 22.34 -6.52
C ARG B 28 9.59 21.41 -5.41
N GLY B 29 8.30 21.15 -5.40
CA GLY B 29 7.70 20.29 -4.40
C GLY B 29 8.37 18.93 -4.39
N LYS B 30 8.47 18.32 -5.55
CA LYS B 30 9.07 17.00 -5.65
C LYS B 30 10.54 17.01 -5.22
N THR B 31 11.15 18.19 -5.20
CA THR B 31 12.55 18.26 -4.82
C THR B 31 12.71 18.21 -3.31
N LEU B 32 11.84 18.92 -2.62
CA LEU B 32 11.89 18.98 -1.16
C LEU B 32 11.51 17.61 -0.62
N MET B 33 10.52 17.00 -1.28
CA MET B 33 10.07 15.67 -0.90
C MET B 33 11.22 14.68 -1.02
N TYR B 34 12.02 14.80 -2.08
CA TYR B 34 13.15 13.90 -2.24
C TYR B 34 14.18 14.04 -1.11
N GLU B 35 14.47 15.29 -0.74
CA GLU B 35 15.44 15.59 0.31
C GLU B 35 14.95 15.04 1.62
N PHE B 36 13.64 15.11 1.82
CA PHE B 36 13.00 14.64 3.04
C PHE B 36 13.07 13.13 3.15
N ASN B 37 12.65 12.47 2.08
CA ASN B 37 12.64 11.02 2.06
C ASN B 37 14.02 10.42 2.16
N HIS B 38 15.03 11.10 1.65
CA HIS B 38 16.37 10.53 1.73
C HIS B 38 17.14 10.96 2.97
N SER B 39 16.51 11.79 3.78
CA SER B 39 17.10 12.29 5.01
C SER B 39 17.30 11.20 6.08
N HIS B 40 18.49 11.21 6.71
CA HIS B 40 18.86 10.26 7.76
C HIS B 40 17.97 10.49 8.99
N PRO B 41 17.60 9.40 9.70
CA PRO B 41 16.75 9.42 10.91
C PRO B 41 17.12 10.46 11.95
N SER B 42 18.41 10.68 12.13
CA SER B 42 18.91 11.65 13.11
C SER B 42 18.67 13.12 12.69
N GLU B 43 18.72 13.41 11.39
CA GLU B 43 18.52 14.76 10.86
C GLU B 43 17.14 15.29 11.22
N VAL B 44 16.85 15.35 12.52
CA VAL B 44 15.57 15.80 13.08
C VAL B 44 15.21 17.26 12.84
N GLU B 45 16.19 18.14 12.93
CA GLU B 45 15.94 19.55 12.72
C GLU B 45 15.67 19.76 11.25
N LYS B 46 16.52 19.17 10.42
CA LYS B 46 16.39 19.28 8.97
C LYS B 46 15.00 18.84 8.55
N ARG B 47 14.59 17.71 9.11
CA ARG B 47 13.28 17.13 8.83
C ARG B 47 12.20 18.09 9.27
N GLU B 48 12.38 18.67 10.44
CA GLU B 48 11.39 19.60 10.95
C GLU B 48 11.19 20.84 10.11
N SER B 49 12.25 21.33 9.50
CA SER B 49 12.15 22.52 8.66
C SER B 49 11.68 22.13 7.26
N LEU B 50 12.06 20.92 6.81
CA LEU B 50 11.66 20.43 5.50
C LEU B 50 10.14 20.35 5.41
N ILE B 51 9.49 19.83 6.44
CA ILE B 51 8.05 19.76 6.39
C ILE B 51 7.43 21.16 6.43
N LYS B 52 8.09 22.10 7.11
CA LYS B 52 7.57 23.47 7.19
C LYS B 52 7.65 24.14 5.82
N GLU B 53 8.65 23.75 5.04
CA GLU B 53 8.84 24.31 3.71
C GLU B 53 8.11 23.54 2.61
N MET B 54 7.70 22.29 2.85
CA MET B 54 6.98 21.59 1.78
C MET B 54 5.47 21.68 1.83
N PHE B 55 4.89 21.89 3.01
CA PHE B 55 3.43 21.98 3.06
C PHE B 55 3.01 23.46 3.10
N ALA B 56 1.88 23.78 2.50
CA ALA B 56 1.38 25.15 2.50
C ALA B 56 1.13 25.63 3.91
N THR B 57 0.68 24.71 4.77
CA THR B 57 0.39 25.06 6.15
C THR B 57 0.58 23.87 7.07
N VAL B 58 1.34 24.09 8.14
CA VAL B 58 1.59 23.06 9.13
C VAL B 58 1.45 23.71 10.50
N GLY B 59 0.85 22.99 11.43
CA GLY B 59 0.68 23.52 12.77
C GLY B 59 1.80 23.02 13.67
N GLU B 60 1.79 23.52 14.89
CA GLU B 60 2.79 23.15 15.88
C GLU B 60 2.70 21.64 16.20
N ASN B 61 3.85 21.07 16.57
CA ASN B 61 4.01 19.65 16.93
C ASN B 61 3.55 18.70 15.83
N ALA B 62 4.11 18.87 14.64
CA ALA B 62 3.76 18.03 13.50
C ALA B 62 4.83 16.98 13.30
N TRP B 63 4.43 15.77 12.95
CA TRP B 63 5.38 14.70 12.71
C TRP B 63 4.96 13.78 11.56
N VAL B 64 5.86 13.63 10.61
CA VAL B 64 5.61 12.81 9.45
C VAL B 64 6.75 11.82 9.24
N GLU B 65 6.40 10.55 9.45
CA GLU B 65 7.35 9.47 9.29
C GLU B 65 7.60 9.21 7.79
N PRO B 66 8.81 9.54 7.29
CA PRO B 66 9.15 9.32 5.87
C PRO B 66 9.09 7.82 5.56
N PRO B 67 8.82 7.46 4.29
CA PRO B 67 8.57 8.35 3.15
C PRO B 67 7.15 8.89 3.03
N VAL B 68 7.08 10.11 2.50
CA VAL B 68 5.80 10.77 2.25
C VAL B 68 5.83 11.07 0.74
N TYR B 69 4.66 11.08 0.12
CA TYR B 69 4.53 11.33 -1.32
C TYR B 69 3.37 12.25 -1.62
N PHE B 70 3.58 13.21 -2.50
CA PHE B 70 2.53 14.15 -2.91
C PHE B 70 2.87 14.70 -4.28
N SER B 71 1.97 15.49 -4.86
CA SER B 71 2.19 16.06 -6.19
C SER B 71 2.81 17.44 -6.18
N TYR B 72 2.39 18.28 -5.23
CA TYR B 72 2.89 19.65 -5.08
C TYR B 72 3.33 19.89 -3.63
N GLY B 73 2.43 19.61 -2.70
CA GLY B 73 2.74 19.80 -1.29
C GLY B 73 2.26 21.16 -0.86
N SER B 74 2.09 22.06 -1.83
CA SER B 74 1.64 23.42 -1.55
C SER B 74 0.15 23.55 -1.57
N ASN B 75 -0.56 22.43 -1.65
CA ASN B 75 -2.02 22.46 -1.62
C ASN B 75 -2.51 21.67 -0.41
N ILE B 76 -1.57 21.35 0.48
CA ILE B 76 -1.88 20.61 1.69
C ILE B 76 -1.78 21.50 2.91
N HIS B 77 -2.87 21.60 3.68
CA HIS B 77 -2.89 22.44 4.88
C HIS B 77 -3.21 21.60 6.12
N ILE B 78 -2.25 21.53 7.03
CA ILE B 78 -2.39 20.73 8.25
C ILE B 78 -2.46 21.53 9.56
N GLY B 79 -3.28 21.05 10.49
CA GLY B 79 -3.44 21.70 11.78
C GLY B 79 -2.33 21.38 12.78
N ARG B 80 -2.70 21.28 14.04
CA ARG B 80 -1.72 20.99 15.10
C ARG B 80 -1.65 19.55 15.56
N ASN B 81 -0.48 19.18 16.07
CA ASN B 81 -0.26 17.84 16.58
C ASN B 81 -0.61 16.82 15.53
N PHE B 82 -0.11 17.04 14.33
CA PHE B 82 -0.36 16.13 13.22
C PHE B 82 0.62 14.97 13.30
N TYR B 83 0.10 13.76 13.12
CA TYR B 83 0.96 12.57 13.12
C TYR B 83 0.60 11.62 11.99
N ALA B 84 1.60 11.32 11.16
CA ALA B 84 1.42 10.42 10.02
C ALA B 84 2.51 9.36 9.99
N ASN B 85 2.13 8.12 9.71
CA ASN B 85 3.10 7.01 9.65
C ASN B 85 3.70 6.84 8.26
N PHE B 86 4.50 5.77 8.06
CA PHE B 86 5.13 5.53 6.76
C PHE B 86 4.16 5.58 5.61
N ASN B 87 4.71 5.99 4.46
CA ASN B 87 4.02 6.06 3.19
C ASN B 87 2.69 6.77 3.04
N LEU B 88 2.59 7.97 3.59
CA LEU B 88 1.37 8.72 3.40
C LEU B 88 1.50 9.19 1.96
N THR B 89 0.39 9.24 1.23
CA THR B 89 0.45 9.69 -0.15
C THR B 89 -0.67 10.66 -0.37
N ILE B 90 -0.35 11.89 -0.78
CA ILE B 90 -1.39 12.87 -1.01
C ILE B 90 -1.33 13.49 -2.40
N VAL B 91 -2.32 13.14 -3.23
CA VAL B 91 -2.38 13.68 -4.57
C VAL B 91 -3.16 14.97 -4.45
N ASP B 92 -2.42 16.07 -4.34
CA ASP B 92 -2.97 17.41 -4.16
C ASP B 92 -2.92 18.37 -5.32
N ASP B 93 -3.64 18.04 -6.38
CA ASP B 93 -3.69 18.92 -7.54
C ASP B 93 -4.58 20.08 -7.14
N TYR B 94 -5.11 19.95 -5.94
CA TYR B 94 -5.99 20.96 -5.40
C TYR B 94 -6.03 20.78 -3.90
N THR B 95 -6.76 21.66 -3.23
CA THR B 95 -6.89 21.69 -1.78
C THR B 95 -7.17 20.43 -0.97
N VAL B 96 -6.34 20.24 0.05
CA VAL B 96 -6.50 19.14 0.98
C VAL B 96 -6.30 19.78 2.35
N THR B 97 -7.33 19.77 3.18
CA THR B 97 -7.24 20.36 4.50
C THR B 97 -7.44 19.33 5.60
N ILE B 98 -6.41 19.22 6.44
CA ILE B 98 -6.38 18.31 7.57
C ILE B 98 -6.50 19.07 8.89
N GLY B 99 -7.46 18.68 9.70
CA GLY B 99 -7.70 19.35 10.96
C GLY B 99 -6.66 19.20 12.06
N ASP B 100 -7.14 19.37 13.29
CA ASP B 100 -6.29 19.29 14.46
C ASP B 100 -6.24 17.91 15.09
N ASN B 101 -5.08 17.54 15.61
CA ASN B 101 -4.89 16.24 16.25
C ASN B 101 -5.38 15.06 15.43
N VAL B 102 -4.92 15.01 14.18
CA VAL B 102 -5.30 13.95 13.28
C VAL B 102 -4.18 12.89 13.34
N LEU B 103 -4.59 11.63 13.26
CA LEU B 103 -3.67 10.52 13.31
C LEU B 103 -3.82 9.70 12.03
N ILE B 104 -2.71 9.48 11.33
CA ILE B 104 -2.73 8.72 10.09
C ILE B 104 -1.81 7.50 10.14
N ALA B 105 -2.45 6.34 10.04
CA ALA B 105 -1.76 5.06 10.07
C ALA B 105 -0.94 4.85 8.81
N PRO B 106 -0.14 3.77 8.75
CA PRO B 106 0.70 3.45 7.59
C PRO B 106 -0.09 3.26 6.29
N ASN B 107 0.60 3.57 5.20
CA ASN B 107 0.08 3.46 3.83
C ASN B 107 -1.31 3.97 3.57
N VAL B 108 -1.53 5.26 3.81
CA VAL B 108 -2.83 5.82 3.54
C VAL B 108 -2.68 6.63 2.26
N THR B 109 -3.76 6.76 1.50
CA THR B 109 -3.72 7.52 0.25
C THR B 109 -4.88 8.48 0.12
N LEU B 110 -4.57 9.77 0.01
CA LEU B 110 -5.57 10.82 -0.15
C LEU B 110 -5.46 11.34 -1.58
N SER B 111 -6.58 11.45 -2.27
CA SER B 111 -6.53 11.92 -3.64
C SER B 111 -7.73 12.79 -4.02
N VAL B 112 -7.47 14.05 -4.40
CA VAL B 112 -8.56 14.93 -4.81
C VAL B 112 -8.80 14.77 -6.32
N THR B 113 -7.91 14.04 -6.98
CA THR B 113 -8.01 13.87 -8.40
C THR B 113 -8.63 12.56 -8.88
N GLY B 114 -9.43 12.69 -9.93
CA GLY B 114 -10.08 11.54 -10.52
C GLY B 114 -9.98 11.74 -12.02
N HIS B 115 -10.33 10.71 -12.77
CA HIS B 115 -10.30 10.77 -14.21
C HIS B 115 -11.71 10.45 -14.69
N PRO B 116 -12.18 11.14 -15.75
CA PRO B 116 -13.53 10.83 -16.23
C PRO B 116 -13.52 9.37 -16.62
N VAL B 117 -14.63 8.69 -16.33
CA VAL B 117 -14.81 7.29 -16.60
C VAL B 117 -14.76 6.93 -18.08
N HIS B 118 -15.44 7.70 -18.94
CA HIS B 118 -15.43 7.41 -20.36
C HIS B 118 -14.10 7.70 -21.02
N HIS B 119 -13.43 6.65 -21.52
CA HIS B 119 -12.11 6.82 -22.13
C HIS B 119 -12.02 7.92 -23.14
N GLU B 120 -13.18 8.36 -23.63
CA GLU B 120 -13.24 9.45 -24.60
C GLU B 120 -12.79 10.73 -23.91
N LEU B 121 -13.52 11.12 -22.85
CA LEU B 121 -13.20 12.33 -22.11
C LEU B 121 -11.76 12.39 -21.55
N ARG B 122 -11.11 11.25 -21.37
CA ARG B 122 -9.76 11.25 -20.82
C ARG B 122 -8.68 10.80 -21.81
N LYS B 123 -8.90 11.11 -23.08
CA LYS B 123 -7.97 10.72 -24.15
C LYS B 123 -6.55 11.24 -23.92
N ASN B 124 -6.44 12.42 -23.29
CA ASN B 124 -5.17 13.06 -23.01
C ASN B 124 -4.79 13.06 -21.54
N GLY B 125 -5.43 12.20 -20.75
CA GLY B 125 -5.15 12.12 -19.33
C GLY B 125 -5.87 13.17 -18.52
N GLU B 126 -6.88 13.80 -19.13
CA GLU B 126 -7.69 14.84 -18.49
C GLU B 126 -8.05 14.41 -17.06
N MET B 127 -8.23 15.39 -16.18
CA MET B 127 -8.57 15.07 -14.81
C MET B 127 -9.43 16.14 -14.16
N TYR B 128 -10.04 15.84 -13.02
CA TYR B 128 -10.85 16.80 -12.29
C TYR B 128 -10.38 16.71 -10.85
N SER B 129 -10.55 17.78 -10.08
CA SER B 129 -10.10 17.81 -8.70
C SER B 129 -11.13 18.38 -7.76
N PHE B 130 -11.44 17.61 -6.71
CA PHE B 130 -12.40 18.04 -5.69
C PHE B 130 -11.75 17.89 -4.31
N PRO B 131 -11.59 19.01 -3.58
CA PRO B 131 -11.00 19.10 -2.25
C PRO B 131 -11.45 18.11 -1.18
N ILE B 132 -10.47 17.62 -0.43
CA ILE B 132 -10.70 16.69 0.66
C ILE B 132 -10.55 17.47 1.97
N THR B 133 -11.43 17.19 2.92
CA THR B 133 -11.39 17.88 4.21
C THR B 133 -11.50 16.91 5.37
N ILE B 134 -10.46 16.85 6.18
CA ILE B 134 -10.44 15.96 7.34
C ILE B 134 -10.66 16.79 8.58
N GLY B 135 -11.65 16.42 9.39
CA GLY B 135 -11.93 17.16 10.61
C GLY B 135 -10.88 16.95 11.70
N ASN B 136 -11.16 17.48 12.89
CA ASN B 136 -10.24 17.34 14.03
C ASN B 136 -10.38 16.01 14.76
N ASN B 137 -9.30 15.61 15.43
CA ASN B 137 -9.27 14.37 16.20
C ASN B 137 -9.74 13.17 15.42
N VAL B 138 -9.37 13.12 14.15
CA VAL B 138 -9.77 12.04 13.28
C VAL B 138 -8.66 11.00 13.22
N TRP B 139 -9.03 9.73 13.25
CA TRP B 139 -8.05 8.66 13.18
C TRP B 139 -8.36 7.82 11.95
N ILE B 140 -7.38 7.74 11.04
CA ILE B 140 -7.52 6.98 9.80
C ILE B 140 -6.69 5.70 9.86
N GLY B 141 -7.34 4.56 9.68
CA GLY B 141 -6.62 3.28 9.73
C GLY B 141 -5.59 3.05 8.63
N SER B 142 -4.94 1.90 8.65
CA SER B 142 -3.93 1.58 7.63
C SER B 142 -4.56 1.19 6.28
N HIS B 143 -3.86 1.49 5.18
CA HIS B 143 -4.33 1.20 3.82
C HIS B 143 -5.66 1.82 3.40
N VAL B 144 -6.05 2.92 4.03
CA VAL B 144 -7.29 3.57 3.66
C VAL B 144 -7.12 4.36 2.35
N VAL B 145 -8.21 4.64 1.66
CA VAL B 145 -8.14 5.42 0.44
C VAL B 145 -9.28 6.42 0.54
N ILE B 146 -8.95 7.71 0.44
CA ILE B 146 -9.96 8.75 0.49
C ILE B 146 -10.03 9.33 -0.90
N ASN B 147 -11.22 9.32 -1.48
CA ASN B 147 -11.45 9.79 -2.85
C ASN B 147 -11.78 11.27 -2.95
N PRO B 148 -11.79 11.82 -4.19
CA PRO B 148 -12.09 13.24 -4.41
C PRO B 148 -13.37 13.76 -3.76
N GLY B 149 -13.30 14.99 -3.27
CA GLY B 149 -14.46 15.63 -2.66
C GLY B 149 -15.03 15.09 -1.37
N VAL B 150 -14.30 14.19 -0.70
CA VAL B 150 -14.80 13.63 0.53
C VAL B 150 -14.55 14.52 1.73
N THR B 151 -15.42 14.40 2.74
CA THR B 151 -15.30 15.18 3.95
C THR B 151 -15.51 14.30 5.18
N ILE B 152 -14.49 14.15 6.00
CA ILE B 152 -14.58 13.35 7.21
C ILE B 152 -14.86 14.23 8.40
N GLY B 153 -16.03 14.05 9.00
CA GLY B 153 -16.44 14.84 10.16
C GLY B 153 -15.57 14.63 11.40
N ASP B 154 -15.62 15.60 12.30
CA ASP B 154 -14.84 15.59 13.54
C ASP B 154 -14.98 14.34 14.42
N ASN B 155 -13.88 14.01 15.10
CA ASN B 155 -13.78 12.87 16.01
C ASN B 155 -14.05 11.48 15.43
N SER B 156 -14.21 11.36 14.11
CA SER B 156 -14.51 10.07 13.53
C SER B 156 -13.32 9.14 13.37
N VAL B 157 -13.62 7.86 13.22
CA VAL B 157 -12.59 6.86 13.00
C VAL B 157 -12.89 6.08 11.72
N ILE B 158 -11.88 5.95 10.87
CA ILE B 158 -12.01 5.24 9.60
C ILE B 158 -11.21 3.93 9.75
N GLY B 159 -11.92 2.81 9.81
CA GLY B 159 -11.24 1.54 9.95
C GLY B 159 -10.20 1.25 8.88
N ALA B 160 -9.29 0.32 9.17
CA ALA B 160 -8.24 -0.05 8.23
C ALA B 160 -8.78 -0.63 6.91
N GLY B 161 -8.20 -0.20 5.80
CA GLY B 161 -8.61 -0.70 4.50
C GLY B 161 -9.88 -0.17 3.85
N SER B 162 -10.56 0.77 4.47
CA SER B 162 -11.78 1.24 3.85
C SER B 162 -11.51 2.22 2.72
N ILE B 163 -12.41 2.20 1.74
CA ILE B 163 -12.35 3.08 0.59
C ILE B 163 -13.45 4.09 0.82
N VAL B 164 -13.11 5.30 1.25
CA VAL B 164 -14.11 6.34 1.50
C VAL B 164 -14.40 7.10 0.22
N THR B 165 -15.64 6.97 -0.22
CA THR B 165 -16.12 7.58 -1.45
C THR B 165 -17.25 8.57 -1.18
N LYS B 166 -17.64 8.69 0.08
CA LYS B 166 -18.71 9.61 0.44
C LYS B 166 -18.36 10.29 1.77
N ASP B 167 -19.03 11.39 2.05
CA ASP B 167 -18.79 12.13 3.28
C ASP B 167 -19.08 11.27 4.49
N ILE B 168 -18.22 11.33 5.50
CA ILE B 168 -18.40 10.58 6.74
C ILE B 168 -18.83 11.58 7.81
N PRO B 169 -19.98 11.34 8.47
CA PRO B 169 -20.44 12.29 9.49
C PRO B 169 -19.50 12.23 10.70
N PRO B 170 -19.58 13.24 11.60
CA PRO B 170 -18.73 13.28 12.80
C PRO B 170 -19.19 12.30 13.87
N ASN B 171 -18.27 11.92 14.76
CA ASN B 171 -18.57 11.01 15.87
C ASN B 171 -19.04 9.61 15.52
N VAL B 172 -18.51 9.04 14.45
CA VAL B 172 -18.91 7.70 14.07
C VAL B 172 -17.69 6.85 13.78
N VAL B 173 -17.90 5.53 13.71
CA VAL B 173 -16.86 4.58 13.36
C VAL B 173 -17.37 4.07 12.02
N ALA B 174 -16.59 4.29 10.98
CA ALA B 174 -16.99 3.89 9.63
C ALA B 174 -15.92 3.02 8.99
N ALA B 175 -16.35 2.13 8.12
CA ALA B 175 -15.40 1.24 7.51
C ALA B 175 -16.02 0.47 6.37
N GLY B 176 -15.20 -0.36 5.73
CA GLY B 176 -15.73 -1.13 4.63
C GLY B 176 -15.34 -0.60 3.26
N VAL B 177 -15.64 -1.40 2.25
CA VAL B 177 -15.35 -1.12 0.86
C VAL B 177 -16.65 -1.29 0.11
N PRO B 178 -17.37 -0.21 -0.17
CA PRO B 178 -17.03 1.17 0.19
C PRO B 178 -17.28 1.43 1.67
N CYS B 179 -16.54 2.38 2.21
CA CYS B 179 -16.67 2.77 3.60
C CYS B 179 -18.09 3.15 3.93
N ARG B 180 -18.61 2.56 5.01
CA ARG B 180 -19.97 2.80 5.49
C ARG B 180 -19.86 3.01 6.99
N VAL B 181 -20.79 3.80 7.52
CA VAL B 181 -20.86 4.07 8.96
C VAL B 181 -21.37 2.79 9.66
N ILE B 182 -20.62 2.29 10.64
CA ILE B 182 -21.06 1.08 11.31
C ILE B 182 -21.65 1.37 12.66
N ARG B 183 -21.38 2.54 13.20
CA ARG B 183 -21.91 2.89 14.50
C ARG B 183 -21.47 4.26 14.98
N GLU B 184 -22.23 4.82 15.92
CA GLU B 184 -21.92 6.11 16.49
C GLU B 184 -21.08 5.91 17.75
N ILE B 185 -20.13 6.81 18.00
CA ILE B 185 -19.29 6.70 19.18
C ILE B 185 -20.04 7.19 20.40
N ASN B 186 -20.40 6.25 21.29
CA ASN B 186 -21.13 6.59 22.51
C ASN B 186 -20.22 6.68 23.72
N ASP B 187 -20.80 6.67 24.91
CA ASP B 187 -20.02 6.78 26.12
C ASP B 187 -19.37 5.46 26.54
N ARG B 188 -19.79 4.33 25.96
CA ARG B 188 -19.17 3.06 26.32
C ARG B 188 -17.72 3.05 25.83
N ASP B 189 -17.48 3.77 24.74
CA ASP B 189 -16.16 3.89 24.14
C ASP B 189 -15.26 4.69 25.05
N LYS B 190 -15.86 5.39 26.01
CA LYS B 190 -15.11 6.18 26.99
C LYS B 190 -14.55 5.23 28.04
N HIS B 191 -15.16 4.04 28.15
CA HIS B 191 -14.74 3.01 29.13
C HIS B 191 -14.00 1.83 28.51
N TYR B 192 -14.50 1.31 27.40
CA TYR B 192 -13.85 0.20 26.74
C TYR B 192 -13.01 0.75 25.60
N TYR B 193 -11.69 0.59 25.67
CA TYR B 193 -10.81 1.10 24.61
C TYR B 193 -10.51 0.10 23.49
N PHE B 194 -10.51 -1.19 23.80
CA PHE B 194 -10.25 -2.20 22.78
C PHE B 194 -10.84 -3.54 23.20
N LYS B 195 -11.76 -4.05 22.38
CA LYS B 195 -12.43 -5.32 22.66
C LYS B 195 -13.02 -5.35 24.06
N ASP B 196 -12.47 -6.19 24.93
CA ASP B 196 -12.94 -6.33 26.31
C ASP B 196 -12.04 -5.65 27.35
N TYR B 197 -11.35 -4.59 26.93
CA TYR B 197 -10.47 -3.89 27.83
C TYR B 197 -11.07 -2.60 28.34
N LYS B 198 -11.23 -2.51 29.66
CA LYS B 198 -11.81 -1.34 30.28
C LYS B 198 -10.71 -0.40 30.75
N VAL B 199 -11.07 0.81 31.15
CA VAL B 199 -10.13 1.81 31.63
C VAL B 199 -10.67 2.55 32.87
N GLU B 200 -10.12 2.22 34.04
CA GLU B 200 -10.52 2.84 35.31
C GLU B 200 -10.31 4.39 35.36
N SER B 201 -11.37 5.10 35.76
CA SER B 201 -11.44 6.58 35.85
C SER B 201 -10.16 7.39 35.65
N SER B 202 -9.33 7.52 36.69
CA SER B 202 -8.10 8.28 36.51
C SER B 202 -6.82 7.49 36.46
N ASN C 2 4.38 5.24 39.93
CA ASN C 2 3.11 4.44 39.94
C ASN C 2 3.27 3.12 39.16
N MET C 3 3.20 3.23 37.84
CA MET C 3 3.31 2.12 36.89
C MET C 3 4.06 2.66 35.66
N PRO C 4 5.38 2.35 35.53
CA PRO C 4 6.15 2.84 34.37
C PRO C 4 5.45 2.55 33.03
N MET C 5 5.78 3.34 32.02
CA MET C 5 5.17 3.20 30.71
C MET C 5 5.39 1.86 30.01
N THR C 6 6.56 1.25 30.19
CA THR C 6 6.83 -0.02 29.53
C THR C 6 6.09 -1.20 30.18
N GLU C 7 5.57 -0.97 31.37
CA GLU C 7 4.84 -2.01 32.05
C GLU C 7 3.38 -1.99 31.60
N ARG C 8 2.86 -0.82 31.26
CA ARG C 8 1.49 -0.72 30.80
C ARG C 8 1.41 -1.39 29.45
N ILE C 9 2.52 -1.40 28.73
CA ILE C 9 2.53 -2.01 27.42
C ILE C 9 2.27 -3.50 27.51
N ARG C 10 3.06 -4.17 28.35
CA ARG C 10 2.92 -5.61 28.52
C ARG C 10 1.63 -6.00 29.21
N ALA C 11 0.94 -5.03 29.79
CA ALA C 11 -0.31 -5.29 30.48
C ALA C 11 -1.51 -4.99 29.59
N GLY C 12 -1.25 -4.50 28.37
CA GLY C 12 -2.34 -4.19 27.47
C GLY C 12 -3.11 -2.94 27.84
N LYS C 13 -2.49 -2.03 28.58
CA LYS C 13 -3.12 -0.77 29.00
C LYS C 13 -2.69 0.38 28.06
N LEU C 14 -3.38 1.52 28.16
CA LEU C 14 -3.07 2.69 27.33
C LEU C 14 -1.74 3.31 27.79
N PHE C 15 -1.00 3.87 26.84
CA PHE C 15 0.29 4.45 27.16
C PHE C 15 0.73 5.44 26.10
N THR C 16 1.86 6.07 26.34
CA THR C 16 2.44 7.00 25.39
C THR C 16 3.88 6.54 25.33
N ASP C 17 4.63 6.96 24.31
CA ASP C 17 6.01 6.50 24.22
C ASP C 17 7.05 7.56 23.99
N MET C 18 7.04 8.60 24.83
CA MET C 18 8.01 9.67 24.71
C MET C 18 8.94 9.66 25.91
N CYS C 19 9.15 8.49 26.51
CA CYS C 19 10.02 8.40 27.68
C CYS C 19 10.65 7.03 27.90
N GLU C 20 11.42 6.91 28.97
CA GLU C 20 12.11 5.68 29.35
C GLU C 20 12.99 5.11 28.25
N GLY C 21 13.57 6.00 27.45
CA GLY C 21 14.45 5.55 26.38
C GLY C 21 13.72 4.96 25.19
N LEU C 22 12.39 5.03 25.21
CA LEU C 22 11.63 4.50 24.09
C LEU C 22 12.09 5.24 22.82
N PRO C 23 12.04 6.58 22.84
CA PRO C 23 12.47 7.35 21.67
C PRO C 23 13.89 6.96 21.20
N GLU C 24 14.79 6.73 22.15
CA GLU C 24 16.15 6.37 21.79
C GLU C 24 16.20 5.01 21.08
N LYS C 25 15.34 4.09 21.50
CA LYS C 25 15.30 2.76 20.90
C LYS C 25 14.89 2.85 19.43
N ARG C 26 13.80 3.58 19.17
CA ARG C 26 13.30 3.76 17.82
C ARG C 26 14.36 4.33 16.90
N LEU C 27 15.16 5.26 17.42
CA LEU C 27 16.23 5.88 16.65
C LEU C 27 17.29 4.86 16.20
N ARG C 28 17.78 4.05 17.12
CA ARG C 28 18.79 3.04 16.79
C ARG C 28 18.19 2.16 15.71
N GLY C 29 16.93 1.82 15.89
CA GLY C 29 16.23 0.97 14.94
C GLY C 29 16.05 1.63 13.60
N LYS C 30 15.34 2.75 13.58
CA LYS C 30 15.11 3.47 12.33
C LYS C 30 16.41 3.72 11.61
N THR C 31 17.53 3.73 12.36
CA THR C 31 18.85 3.97 11.80
C THR C 31 19.29 2.75 11.05
N LEU C 32 19.17 1.59 11.67
CA LEU C 32 19.56 0.36 10.99
C LEU C 32 18.66 0.16 9.77
N MET C 33 17.37 0.44 9.93
CA MET C 33 16.42 0.26 8.84
C MET C 33 16.82 1.12 7.64
N TYR C 34 17.24 2.36 7.91
CA TYR C 34 17.68 3.29 6.86
C TYR C 34 18.88 2.73 6.09
N GLU C 35 19.84 2.15 6.80
CA GLU C 35 21.00 1.57 6.13
C GLU C 35 20.56 0.47 5.20
N PHE C 36 19.61 -0.31 5.68
CA PHE C 36 19.10 -1.43 4.93
C PHE C 36 18.31 -0.99 3.71
N ASN C 37 17.45 -0.01 3.90
CA ASN C 37 16.65 0.46 2.79
C ASN C 37 17.47 1.19 1.74
N HIS C 38 18.64 1.70 2.12
CA HIS C 38 19.48 2.41 1.17
C HIS C 38 20.63 1.60 0.62
N SER C 39 20.75 0.37 1.07
CA SER C 39 21.82 -0.50 0.59
C SER C 39 21.60 -0.90 -0.86
N HIS C 40 22.70 -1.06 -1.59
CA HIS C 40 22.67 -1.43 -2.99
C HIS C 40 22.34 -2.91 -3.13
N PRO C 41 21.61 -3.26 -4.19
CA PRO C 41 21.23 -4.66 -4.45
C PRO C 41 22.39 -5.66 -4.41
N SER C 42 23.61 -5.18 -4.58
CA SER C 42 24.76 -6.09 -4.57
C SER C 42 25.34 -6.27 -3.18
N GLU C 43 24.99 -5.38 -2.26
CA GLU C 43 25.49 -5.47 -0.90
C GLU C 43 24.75 -6.60 -0.19
N VAL C 44 24.85 -7.80 -0.73
CA VAL C 44 24.15 -8.95 -0.16
C VAL C 44 24.58 -9.35 1.25
N GLU C 45 25.88 -9.30 1.53
CA GLU C 45 26.39 -9.66 2.84
C GLU C 45 25.95 -8.61 3.87
N LYS C 46 26.18 -7.34 3.55
CA LYS C 46 25.80 -6.24 4.43
C LYS C 46 24.32 -6.31 4.77
N ARG C 47 23.51 -6.62 3.76
CA ARG C 47 22.07 -6.73 3.94
C ARG C 47 21.79 -7.89 4.87
N GLU C 48 22.51 -8.99 4.68
CA GLU C 48 22.30 -10.15 5.51
C GLU C 48 22.57 -9.89 6.99
N SER C 49 23.69 -9.27 7.31
CA SER C 49 24.01 -9.02 8.71
C SER C 49 23.10 -7.95 9.27
N LEU C 50 22.65 -7.05 8.41
CA LEU C 50 21.77 -5.97 8.85
C LEU C 50 20.49 -6.54 9.44
N ILE C 51 19.86 -7.45 8.70
CA ILE C 51 18.63 -8.06 9.17
C ILE C 51 18.88 -8.78 10.49
N LYS C 52 20.03 -9.43 10.62
CA LYS C 52 20.37 -10.14 11.85
C LYS C 52 20.51 -9.19 13.02
N GLU C 53 20.82 -7.93 12.73
CA GLU C 53 20.99 -6.95 13.77
C GLU C 53 19.73 -6.13 14.01
N MET C 54 18.94 -5.89 12.97
CA MET C 54 17.77 -5.06 13.22
C MET C 54 16.57 -5.75 13.85
N PHE C 55 16.43 -7.06 13.65
CA PHE C 55 15.31 -7.80 14.24
C PHE C 55 15.78 -8.48 15.52
N ALA C 56 14.85 -8.69 16.45
CA ALA C 56 15.19 -9.35 17.71
C ALA C 56 15.69 -10.77 17.53
N THR C 57 15.06 -11.53 16.63
CA THR C 57 15.41 -12.92 16.38
C THR C 57 15.09 -13.28 14.93
N VAL C 58 16.05 -13.86 14.23
CA VAL C 58 15.85 -14.26 12.84
C VAL C 58 16.39 -15.65 12.66
N GLY C 59 15.61 -16.52 12.02
CA GLY C 59 16.08 -17.88 11.79
C GLY C 59 16.98 -17.92 10.57
N GLU C 60 17.37 -19.12 10.17
CA GLU C 60 18.22 -19.33 9.01
C GLU C 60 17.43 -19.23 7.70
N ASN C 61 18.10 -18.76 6.65
CA ASN C 61 17.53 -18.59 5.32
C ASN C 61 16.47 -17.51 5.24
N ALA C 62 16.68 -16.41 5.95
CA ALA C 62 15.75 -15.31 5.92
C ALA C 62 16.11 -14.43 4.73
N TRP C 63 15.11 -13.81 4.14
CA TRP C 63 15.32 -12.91 3.04
C TRP C 63 14.22 -11.88 3.05
N VAL C 64 14.60 -10.62 3.21
CA VAL C 64 13.62 -9.54 3.18
C VAL C 64 14.01 -8.60 2.05
N GLU C 65 13.05 -8.32 1.18
CA GLU C 65 13.27 -7.44 0.06
C GLU C 65 12.97 -6.03 0.51
N PRO C 66 13.95 -5.12 0.41
CA PRO C 66 13.75 -3.72 0.82
C PRO C 66 12.88 -2.99 -0.20
N PRO C 67 12.22 -1.92 0.25
CA PRO C 67 12.22 -1.39 1.61
C PRO C 67 11.41 -2.13 2.68
N VAL C 68 11.86 -2.01 3.91
CA VAL C 68 11.18 -2.59 5.06
C VAL C 68 10.99 -1.47 6.09
N TYR C 69 9.81 -1.41 6.69
CA TYR C 69 9.50 -0.38 7.67
C TYR C 69 8.98 -0.92 8.99
N PHE C 70 9.48 -0.38 10.09
CA PHE C 70 9.05 -0.81 11.41
C PHE C 70 9.33 0.27 12.43
N SER C 71 8.81 0.10 13.64
CA SER C 71 9.00 1.09 14.71
C SER C 71 10.28 0.95 15.52
N TYR C 72 10.59 -0.27 15.97
CA TYR C 72 11.81 -0.55 16.75
C TYR C 72 12.56 -1.67 16.05
N GLY C 73 11.82 -2.71 15.67
CA GLY C 73 12.45 -3.84 15.00
C GLY C 73 12.86 -4.89 15.99
N SER C 74 13.33 -4.47 17.15
CA SER C 74 13.76 -5.41 18.16
C SER C 74 12.61 -6.19 18.81
N ASN C 75 11.35 -5.87 18.45
CA ASN C 75 10.20 -6.59 19.03
C ASN C 75 9.66 -7.60 18.05
N ILE C 76 10.38 -7.77 16.95
CA ILE C 76 9.98 -8.69 15.92
C ILE C 76 10.89 -9.89 16.00
N HIS C 77 10.29 -11.07 16.14
CA HIS C 77 11.02 -12.32 16.22
C HIS C 77 10.56 -13.11 15.01
N ILE C 78 11.51 -13.68 14.27
CA ILE C 78 11.20 -14.43 13.06
C ILE C 78 11.81 -15.83 13.04
N GLY C 79 11.13 -16.75 12.37
CA GLY C 79 11.61 -18.12 12.30
C GLY C 79 12.54 -18.35 11.13
N ARG C 80 12.57 -19.59 10.65
CA ARG C 80 13.42 -19.98 9.55
C ARG C 80 12.72 -19.83 8.20
N ASN C 81 13.52 -19.82 7.14
CA ASN C 81 13.04 -19.68 5.77
C ASN C 81 12.00 -18.60 5.62
N PHE C 82 12.24 -17.45 6.22
CA PHE C 82 11.31 -16.36 6.14
C PHE C 82 11.53 -15.63 4.81
N TYR C 83 10.44 -15.10 4.25
CA TYR C 83 10.50 -14.37 2.99
C TYR C 83 9.45 -13.27 2.96
N ALA C 84 9.88 -12.04 2.72
CA ALA C 84 8.96 -10.92 2.65
C ALA C 84 9.34 -10.07 1.43
N ASN C 85 8.33 -9.68 0.66
CA ASN C 85 8.54 -8.86 -0.52
C ASN C 85 8.51 -7.39 -0.16
N PHE C 86 8.66 -6.54 -1.17
CA PHE C 86 8.68 -5.10 -0.99
C PHE C 86 7.67 -4.54 -0.01
N ASN C 87 8.10 -3.47 0.63
CA ASN C 87 7.30 -2.71 1.58
C ASN C 87 6.59 -3.46 2.70
N LEU C 88 7.31 -4.29 3.44
CA LEU C 88 6.66 -4.94 4.57
C LEU C 88 6.67 -3.90 5.69
N THR C 89 5.54 -3.68 6.33
CA THR C 89 5.50 -2.71 7.41
C THR C 89 5.06 -3.39 8.69
N ILE C 90 5.88 -3.28 9.73
CA ILE C 90 5.54 -3.88 11.01
C ILE C 90 5.63 -2.83 12.11
N VAL C 91 4.48 -2.49 12.70
CA VAL C 91 4.43 -1.53 13.80
C VAL C 91 4.56 -2.36 15.07
N ASP C 92 5.80 -2.52 15.52
CA ASP C 92 6.10 -3.34 16.67
C ASP C 92 6.39 -2.62 17.98
N ASP C 93 5.43 -1.86 18.46
CA ASP C 93 5.61 -1.18 19.73
C ASP C 93 5.63 -2.25 20.77
N TYR C 94 5.20 -3.44 20.37
CA TYR C 94 5.24 -4.58 21.25
C TYR C 94 5.55 -5.79 20.39
N THR C 95 5.65 -6.95 21.04
CA THR C 95 6.03 -8.18 20.35
C THR C 95 5.23 -8.66 19.15
N VAL C 96 5.97 -9.11 18.16
CA VAL C 96 5.41 -9.62 16.92
C VAL C 96 6.21 -10.90 16.70
N THR C 97 5.50 -12.02 16.58
CA THR C 97 6.18 -13.29 16.38
C THR C 97 5.69 -13.98 15.14
N ILE C 98 6.63 -14.38 14.29
CA ILE C 98 6.36 -15.05 13.03
C ILE C 98 6.99 -16.45 13.09
N GLY C 99 6.20 -17.46 12.74
CA GLY C 99 6.69 -18.84 12.77
C GLY C 99 7.71 -19.21 11.70
N ASP C 100 7.77 -20.50 11.38
CA ASP C 100 8.69 -21.04 10.37
C ASP C 100 8.06 -21.12 8.97
N ASN C 101 8.89 -20.97 7.93
CA ASN C 101 8.43 -21.03 6.54
C ASN C 101 7.26 -20.13 6.20
N VAL C 102 7.29 -18.91 6.73
CA VAL C 102 6.26 -17.92 6.49
C VAL C 102 6.59 -17.17 5.19
N LEU C 103 5.56 -16.79 4.45
CA LEU C 103 5.69 -16.10 3.18
C LEU C 103 4.81 -14.87 3.15
N ILE C 104 5.43 -13.70 2.99
CA ILE C 104 4.68 -12.45 2.94
C ILE C 104 4.84 -11.74 1.60
N ALA C 105 3.71 -11.52 0.94
CA ALA C 105 3.68 -10.86 -0.37
C ALA C 105 3.91 -9.35 -0.19
N PRO C 106 4.08 -8.63 -1.30
CA PRO C 106 4.31 -7.17 -1.31
C PRO C 106 3.27 -6.35 -0.56
N ASN C 107 3.71 -5.21 -0.03
CA ASN C 107 2.86 -4.28 0.71
C ASN C 107 1.88 -4.87 1.69
N VAL C 108 2.39 -5.54 2.72
CA VAL C 108 1.57 -6.13 3.77
C VAL C 108 1.84 -5.22 4.99
N THR C 109 0.88 -5.13 5.90
CA THR C 109 1.05 -4.27 7.06
C THR C 109 0.63 -4.89 8.38
N LEU C 110 1.59 -5.06 9.29
CA LEU C 110 1.33 -5.62 10.61
C LEU C 110 1.40 -4.52 11.66
N SER C 111 0.37 -4.46 12.52
CA SER C 111 0.32 -3.47 13.58
C SER C 111 -0.23 -4.03 14.91
N VAL C 112 0.59 -4.03 15.96
CA VAL C 112 0.14 -4.52 17.27
C VAL C 112 -0.52 -3.38 18.00
N THR C 113 -0.34 -2.17 17.47
CA THR C 113 -0.87 -0.94 18.05
C THR C 113 -2.14 -0.39 17.45
N GLY C 114 -2.98 0.17 18.33
CA GLY C 114 -4.23 0.80 17.93
C GLY C 114 -4.37 2.05 18.78
N HIS C 115 -5.50 2.74 18.66
CA HIS C 115 -5.73 3.96 19.43
C HIS C 115 -7.15 3.90 19.96
N PRO C 116 -7.38 4.34 21.21
CA PRO C 116 -8.74 4.31 21.73
C PRO C 116 -9.64 5.00 20.72
N VAL C 117 -10.82 4.45 20.50
CA VAL C 117 -11.75 5.02 19.53
C VAL C 117 -12.29 6.37 19.97
N HIS C 118 -12.64 6.49 21.25
CA HIS C 118 -13.14 7.76 21.73
C HIS C 118 -12.03 8.79 21.75
N HIS C 119 -12.24 9.90 21.04
CA HIS C 119 -11.22 10.94 20.98
C HIS C 119 -10.77 11.44 22.35
N GLU C 120 -11.54 11.12 23.39
CA GLU C 120 -11.22 11.54 24.75
C GLU C 120 -9.98 10.80 25.27
N LEU C 121 -9.99 9.48 25.15
CA LEU C 121 -8.87 8.67 25.62
C LEU C 121 -7.59 8.81 24.81
N ARG C 122 -7.67 9.39 23.62
CA ARG C 122 -6.46 9.52 22.81
C ARG C 122 -5.98 10.96 22.58
N LYS C 123 -6.40 11.87 23.45
CA LYS C 123 -6.01 13.29 23.35
C LYS C 123 -4.51 13.47 23.13
N ASN C 124 -3.74 12.71 23.91
CA ASN C 124 -2.28 12.77 23.85
C ASN C 124 -1.73 11.71 22.94
N GLY C 125 -2.57 11.19 22.05
CA GLY C 125 -2.12 10.16 21.14
C GLY C 125 -1.90 8.85 21.87
N GLU C 126 -2.66 8.63 22.93
CA GLU C 126 -2.56 7.40 23.70
C GLU C 126 -2.70 6.20 22.77
N MET C 127 -2.02 5.11 23.12
CA MET C 127 -2.08 3.92 22.29
C MET C 127 -2.06 2.64 23.12
N TYR C 128 -2.40 1.52 22.50
CA TYR C 128 -2.38 0.23 23.18
C TYR C 128 -1.68 -0.74 22.27
N SER C 129 -1.10 -1.79 22.86
CA SER C 129 -0.39 -2.77 22.07
C SER C 129 -0.70 -4.21 22.45
N PHE C 130 -1.08 -5.00 21.45
CA PHE C 130 -1.40 -6.41 21.66
C PHE C 130 -0.67 -7.21 20.60
N PRO C 131 0.28 -8.04 21.04
CA PRO C 131 1.12 -8.90 20.19
C PRO C 131 0.33 -9.60 19.10
N ILE C 132 1.06 -10.01 18.07
CA ILE C 132 0.52 -10.69 16.89
C ILE C 132 1.35 -11.95 16.70
N THR C 133 0.67 -13.08 16.54
CA THR C 133 1.32 -14.36 16.37
C THR C 133 0.95 -14.98 15.02
N ILE C 134 1.97 -15.25 14.20
CA ILE C 134 1.77 -15.85 12.88
C ILE C 134 2.34 -17.26 12.95
N GLY C 135 1.52 -18.25 12.62
CA GLY C 135 1.97 -19.62 12.69
C GLY C 135 3.02 -19.99 11.66
N ASN C 136 3.24 -21.28 11.52
CA ASN C 136 4.21 -21.81 10.58
C ASN C 136 3.56 -22.08 9.26
N ASN C 137 4.34 -21.95 8.20
CA ASN C 137 3.87 -22.20 6.84
C ASN C 137 2.62 -21.42 6.47
N VAL C 138 2.53 -20.18 6.92
CA VAL C 138 1.41 -19.32 6.61
C VAL C 138 1.81 -18.54 5.37
N TRP C 139 0.83 -18.12 4.57
CA TRP C 139 1.12 -17.34 3.37
C TRP C 139 0.16 -16.14 3.35
N ILE C 140 0.70 -14.95 3.45
CA ILE C 140 -0.10 -13.74 3.45
C ILE C 140 -0.16 -13.10 2.06
N GLY C 141 -1.36 -12.77 1.60
CA GLY C 141 -1.52 -12.16 0.29
C GLY C 141 -1.04 -10.72 0.24
N SER C 142 -1.14 -10.08 -0.93
CA SER C 142 -0.71 -8.70 -1.09
C SER C 142 -1.70 -7.74 -0.47
N HIS C 143 -1.19 -6.62 0.01
CA HIS C 143 -2.01 -5.58 0.63
C HIS C 143 -2.85 -6.09 1.79
N VAL C 144 -2.34 -7.01 2.59
CA VAL C 144 -3.12 -7.48 3.71
C VAL C 144 -2.82 -6.57 4.89
N VAL C 145 -3.72 -6.52 5.87
CA VAL C 145 -3.53 -5.73 7.08
C VAL C 145 -3.96 -6.55 8.30
N ILE C 146 -2.98 -6.91 9.13
CA ILE C 146 -3.23 -7.66 10.35
C ILE C 146 -3.26 -6.70 11.54
N ASN C 147 -4.40 -6.62 12.23
CA ASN C 147 -4.58 -5.74 13.38
C ASN C 147 -4.07 -6.28 14.73
N PRO C 148 -4.09 -5.43 15.79
CA PRO C 148 -3.62 -5.82 17.12
C PRO C 148 -4.18 -7.10 17.72
N GLY C 149 -3.31 -7.83 18.40
CA GLY C 149 -3.66 -9.08 19.06
C GLY C 149 -4.26 -10.19 18.21
N VAL C 150 -3.94 -10.23 16.93
CA VAL C 150 -4.48 -11.23 16.01
C VAL C 150 -3.54 -12.41 15.87
N THR C 151 -4.10 -13.61 15.80
CA THR C 151 -3.33 -14.86 15.67
C THR C 151 -3.72 -15.58 14.38
N ILE C 152 -2.73 -16.00 13.61
CA ILE C 152 -2.97 -16.73 12.37
C ILE C 152 -2.44 -18.15 12.55
N GLY C 153 -3.37 -19.12 12.57
CA GLY C 153 -3.01 -20.52 12.77
C GLY C 153 -2.12 -21.11 11.70
N ASP C 154 -1.25 -22.04 12.11
CA ASP C 154 -0.33 -22.72 11.20
C ASP C 154 -1.01 -23.21 9.93
N ASN C 155 -0.26 -23.14 8.82
CA ASN C 155 -0.72 -23.58 7.52
C ASN C 155 -1.84 -22.80 6.86
N SER C 156 -2.25 -21.69 7.45
CA SER C 156 -3.33 -20.94 6.83
C SER C 156 -2.87 -20.03 5.70
N VAL C 157 -3.83 -19.48 4.96
CA VAL C 157 -3.57 -18.61 3.84
C VAL C 157 -4.50 -17.42 3.98
N ILE C 158 -3.96 -16.22 3.80
CA ILE C 158 -4.76 -15.01 3.90
C ILE C 158 -4.75 -14.31 2.54
N GLY C 159 -5.91 -14.32 1.90
CA GLY C 159 -6.04 -13.71 0.59
C GLY C 159 -5.54 -12.30 0.48
N ALA C 160 -5.30 -11.85 -0.75
CA ALA C 160 -4.81 -10.50 -0.97
C ALA C 160 -5.91 -9.52 -0.60
N GLY C 161 -5.50 -8.38 -0.05
CA GLY C 161 -6.45 -7.36 0.34
C GLY C 161 -7.29 -7.54 1.60
N SER C 162 -7.10 -8.60 2.38
CA SER C 162 -7.94 -8.77 3.55
C SER C 162 -7.54 -7.97 4.78
N ILE C 163 -8.55 -7.57 5.55
CA ILE C 163 -8.36 -6.81 6.77
C ILE C 163 -8.64 -7.81 7.89
N VAL C 164 -7.58 -8.29 8.55
CA VAL C 164 -7.73 -9.27 9.63
C VAL C 164 -7.91 -8.60 10.99
N THR C 165 -9.09 -8.79 11.58
CA THR C 165 -9.38 -8.21 12.89
C THR C 165 -9.69 -9.28 13.94
N LYS C 166 -9.61 -10.54 13.55
CA LYS C 166 -9.90 -11.65 14.46
C LYS C 166 -8.97 -12.78 14.11
N ASP C 167 -8.69 -13.65 15.08
CA ASP C 167 -7.78 -14.77 14.86
C ASP C 167 -8.26 -15.60 13.70
N ILE C 168 -7.33 -16.25 13.01
CA ILE C 168 -7.68 -17.10 11.89
C ILE C 168 -7.23 -18.49 12.29
N PRO C 169 -8.14 -19.47 12.22
CA PRO C 169 -7.77 -20.83 12.60
C PRO C 169 -6.77 -21.43 11.63
N PRO C 170 -6.11 -22.52 12.03
CA PRO C 170 -5.13 -23.17 11.16
C PRO C 170 -5.82 -24.00 10.08
N ASN C 171 -5.12 -24.22 8.98
CA ASN C 171 -5.64 -25.00 7.85
C ASN C 171 -6.83 -24.45 7.15
N VAL C 172 -6.91 -23.13 7.04
CA VAL C 172 -8.04 -22.56 6.34
C VAL C 172 -7.57 -21.52 5.36
N VAL C 173 -8.47 -21.14 4.46
CA VAL C 173 -8.19 -20.11 3.50
C VAL C 173 -9.14 -19.05 3.97
N ALA C 174 -8.61 -17.94 4.47
CA ALA C 174 -9.44 -16.84 4.93
C ALA C 174 -9.12 -15.64 4.09
N ALA C 175 -10.14 -14.79 3.88
CA ALA C 175 -10.01 -13.59 3.08
C ALA C 175 -11.24 -12.71 3.27
N GLY C 176 -11.17 -11.49 2.75
CA GLY C 176 -12.28 -10.57 2.86
C GLY C 176 -12.04 -9.34 3.71
N VAL C 177 -12.99 -8.42 3.70
CA VAL C 177 -12.91 -7.19 4.50
C VAL C 177 -14.23 -7.06 5.25
N PRO C 178 -14.25 -7.44 6.53
CA PRO C 178 -13.13 -8.00 7.29
C PRO C 178 -12.86 -9.43 6.92
N CYS C 179 -11.63 -9.86 7.18
CA CYS C 179 -11.24 -11.22 6.86
C CYS C 179 -12.19 -12.21 7.47
N ARG C 180 -12.49 -13.27 6.71
CA ARG C 180 -13.35 -14.34 7.19
C ARG C 180 -12.88 -15.66 6.61
N VAL C 181 -13.15 -16.74 7.33
CA VAL C 181 -12.78 -18.07 6.89
C VAL C 181 -13.68 -18.39 5.72
N ILE C 182 -13.10 -18.77 4.59
CA ILE C 182 -13.96 -19.10 3.46
C ILE C 182 -14.08 -20.61 3.33
N ARG C 183 -13.03 -21.33 3.72
CA ARG C 183 -13.01 -22.78 3.62
C ARG C 183 -11.75 -23.37 4.23
N GLU C 184 -11.79 -24.67 4.50
CA GLU C 184 -10.65 -25.38 5.09
C GLU C 184 -9.84 -26.04 3.99
N ILE C 185 -8.53 -26.06 4.14
CA ILE C 185 -7.66 -26.67 3.15
C ILE C 185 -7.76 -28.20 3.24
N ASN C 186 -8.38 -28.80 2.24
CA ASN C 186 -8.55 -30.24 2.24
C ASN C 186 -7.49 -30.91 1.38
N ASP C 187 -7.76 -32.14 0.97
CA ASP C 187 -6.80 -32.87 0.15
C ASP C 187 -6.88 -32.51 -1.31
N ARG C 188 -7.99 -31.92 -1.74
CA ARG C 188 -8.10 -31.51 -3.13
C ARG C 188 -6.97 -30.52 -3.40
N ASP C 189 -6.74 -29.63 -2.43
CA ASP C 189 -5.69 -28.63 -2.55
C ASP C 189 -4.31 -29.28 -2.76
N LYS C 190 -4.24 -30.60 -2.53
CA LYS C 190 -2.99 -31.33 -2.70
C LYS C 190 -2.78 -31.70 -4.16
N HIS C 191 -3.84 -31.60 -4.96
CA HIS C 191 -3.76 -31.92 -6.38
C HIS C 191 -3.94 -30.68 -7.25
N TYR C 192 -4.88 -29.84 -6.87
CA TYR C 192 -5.15 -28.61 -7.61
C TYR C 192 -4.43 -27.46 -6.95
N TYR C 193 -3.43 -26.89 -7.63
CA TYR C 193 -2.69 -25.77 -7.06
C TYR C 193 -3.17 -24.38 -7.47
N PHE C 194 -3.86 -24.26 -8.60
CA PHE C 194 -4.37 -22.96 -9.02
C PHE C 194 -5.52 -23.10 -9.99
N LYS C 195 -6.71 -22.64 -9.61
CA LYS C 195 -7.88 -22.73 -10.47
C LYS C 195 -8.05 -24.17 -10.96
N ASP C 196 -7.85 -24.40 -12.26
CA ASP C 196 -8.00 -25.72 -12.89
C ASP C 196 -6.69 -26.42 -13.22
N TYR C 197 -5.65 -26.17 -12.43
CA TYR C 197 -4.38 -26.80 -12.68
C TYR C 197 -4.10 -27.87 -11.66
N LYS C 198 -3.91 -29.10 -12.14
CA LYS C 198 -3.63 -30.25 -11.29
C LYS C 198 -2.12 -30.44 -11.26
N VAL C 199 -1.64 -31.36 -10.43
CA VAL C 199 -0.19 -31.62 -10.32
C VAL C 199 0.05 -33.14 -10.24
N GLU C 200 0.62 -33.75 -11.28
CA GLU C 200 0.91 -35.20 -11.28
C GLU C 200 2.07 -35.62 -10.32
N SER C 201 1.76 -36.65 -9.52
CA SER C 201 2.52 -37.29 -8.41
C SER C 201 4.01 -37.62 -8.24
N SER C 202 4.66 -38.09 -9.30
CA SER C 202 6.05 -38.47 -9.18
C SER C 202 7.17 -37.53 -9.52
C1 147 D . 10.47 -14.98 -5.33
C2 147 D . 10.86 -14.57 -6.78
O2 147 D . 12.29 -14.72 -6.97
C3 147 D . 10.36 -13.09 -7.05
O3 147 D . 10.71 -12.72 -8.42
C4 147 D . 8.77 -13.03 -6.81
O4 147 D . 8.07 -13.98 -7.64
C5 147 D . 8.44 -13.43 -5.32
C6 147 D . 6.89 -13.36 -5.06
O6 147 D . 6.50 -13.70 -3.70
O5 147 D . 9.01 -14.82 -5.09
O1 147 D . 10.94 -16.31 -5.11
C1' 147 D . 10.80 -17.07 -3.81
C2' 147 D . 9.58 -17.26 -3.07
C3' 147 D . 9.60 -17.98 -1.85
C4' 147 D . 10.90 -18.53 -1.36
C5' 147 D . 12.09 -18.37 -2.03
C6' 147 D . 12.09 -17.66 -3.26
N1' 147 D . 10.77 -19.26 -0.03
O2' 147 D . 11.44 -20.25 0.14
O3' 147 D . 10.10 -18.70 0.86
N1A COA E . -15.24 0.25 -4.42
C2A COA E . -16.48 -0.19 -4.05
N3A COA E . -17.66 0.44 -4.22
C4A COA E . -17.50 1.65 -4.86
C5A COA E . -16.30 2.21 -5.30
C6A COA E . -15.12 1.46 -5.07
N6A COA E . -13.91 1.88 -5.43
N7A COA E . -16.51 3.40 -5.89
C8A COA E . -17.81 3.59 -5.82
N9A COA E . -18.49 2.58 -5.21
C1B COA E . -19.95 2.47 -4.96
C2B COA E . -20.54 3.83 -4.62
O2B COA E . -20.36 4.18 -3.24
C3B COA E . -21.98 3.73 -5.01
O3B COA E . -22.79 3.35 -3.86
P3B COA E . -24.36 3.18 -3.93
O7A COA E . -24.85 2.79 -2.57
O8A COA E . -24.73 2.10 -4.91
O9A COA E . -25.00 4.46 -4.32
C4B COA E . -21.92 2.73 -6.19
O4B COA E . -20.66 2.04 -6.09
C5B COA E . -22.03 3.34 -7.60
O5B COA E . -20.86 4.17 -7.97
P1A COA E . -21.08 5.70 -8.55
O1A COA E . -21.14 6.64 -7.42
O2A COA E . -22.33 5.79 -9.34
O3A COA E . -19.81 5.94 -9.45
P2A COA E . -19.22 5.30 -10.88
O4A COA E . -19.06 6.40 -11.89
O5A COA E . -20.18 4.32 -11.42
O6A COA E . -17.85 4.69 -10.25
CBP COA E . -15.33 5.38 -9.81
CCP COA E . -16.85 5.80 -10.01
CDP COA E . -15.18 3.86 -9.95
CEP COA E . -14.49 6.06 -10.89
CAP COA E . -14.85 5.85 -8.38
OAP COA E . -15.65 5.25 -7.40
C9P COA E . -13.34 5.48 -7.98
O9P COA E . -13.11 4.75 -6.98
N8P COA E . -12.34 5.94 -8.69
C7P COA E . -10.91 5.67 -8.40
C6P COA E . -10.27 7.00 -7.96
C5P COA E . -8.77 6.87 -7.65
O5P COA E . -8.28 5.86 -7.14
N4P COA E . -8.08 7.95 -8.00
C3P COA E . -6.62 8.04 -7.80
C2P COA E . -6.01 9.14 -8.65
S1P COA E . -5.96 8.72 -10.45
C1 147 F . -0.91 13.87 -13.18
C2 147 F . -0.72 15.17 -12.35
O2 147 F . 0.31 16.01 -12.93
C3 147 F . -0.38 14.75 -10.85
O3 147 F . -0.21 15.97 -10.04
C4 147 F . -1.56 13.82 -10.27
O4 147 F . -2.83 14.49 -10.35
C5 147 F . -1.69 12.51 -11.16
C6 147 F . -2.84 11.58 -10.60
O6 147 F . -3.02 10.36 -11.35
O5 147 F . -1.96 12.97 -12.60
O1 147 F . -1.22 14.26 -14.51
C1' 147 F . -1.44 13.31 -15.67
C2' 147 F . -2.34 12.19 -15.67
C3' 147 F . -2.42 11.36 -16.81
C4' 147 F . -1.58 11.67 -18.00
C5' 147 F . -0.70 12.74 -18.05
C6' 147 F . -0.60 13.58 -16.90
N1' 147 F . -1.77 10.70 -19.16
O2' 147 F . -1.73 11.12 -20.28
O3' 147 F . -1.81 9.47 -18.87
N1A COA G . -13.02 -2.86 7.95
C2A COA G . -14.17 -3.58 7.85
N3A COA G . -14.86 -4.18 8.84
C4A COA G . -14.25 -4.00 10.06
C5A COA G . -13.07 -3.29 10.29
C6A COA G . -12.43 -2.69 9.17
N6A COA G . -11.31 -2.00 9.27
N7A COA G . -12.75 -3.30 11.61
C8A COA G . -13.70 -4.01 12.17
N9A COA G . -14.65 -4.47 11.30
C1B COA G . -15.83 -5.30 11.60
C2B COA G . -15.52 -6.33 12.69
O2B COA G . -14.88 -7.51 12.18
C3B COA G . -16.85 -6.64 13.32
O3B COA G . -17.43 -7.81 12.71
P3B COA G . -18.84 -8.42 13.16
O7A COA G . -19.11 -9.61 12.33
O8A COA G . -19.93 -7.42 12.98
O9A COA G . -18.77 -8.84 14.60
C4B COA G . -17.60 -5.29 13.13
O4B COA G . -16.91 -4.56 12.09
C5B COA G . -17.70 -4.38 14.38
O5B COA G . -16.39 -3.84 14.82
P1A COA G . -15.90 -3.99 16.38
O1A COA G . -15.19 -5.28 16.55
O2A COA G . -17.06 -3.95 17.31
O3A COA G . -14.92 -2.76 16.59
P2A COA G . -15.10 -1.09 16.66
O4A COA G . -14.62 -0.59 17.97
O5A COA G . -16.54 -0.75 16.51
O6A COA G . -14.16 -0.77 15.38
CBP COA G . -11.65 -0.23 14.77
CCP COA G . -12.70 -0.89 15.75
CDP COA G . -12.36 0.48 13.58
CEP COA G . -10.85 0.83 15.53
CAP COA G . -10.66 -1.35 14.21
OAP COA G . -11.42 -2.32 13.52
C9P COA G . -9.54 -0.88 13.19
O9P COA G . -9.50 -1.34 12.03
N8P COA G . -8.65 0.01 13.56
C7P COA G . -7.55 0.52 12.70
C6P COA G . -6.22 -0.01 13.27
C5P COA G . -5.00 0.46 12.49
O5P COA G . -5.02 0.59 11.26
N4P COA G . -3.94 0.69 13.25
C3P COA G . -2.64 1.15 12.71
C2P COA G . -1.78 1.76 13.81
S1P COA G . -2.42 3.41 14.39
C1 147 H . 3.87 6.36 17.56
C2 147 H . 4.95 5.34 18.02
O2 147 H . 6.12 6.04 18.53
C3 147 H . 5.29 4.40 16.80
O3 147 H . 6.31 3.42 17.23
C4 147 H . 3.97 3.67 16.29
O4 147 H . 3.34 2.92 17.38
C5 147 H . 2.90 4.76 15.83
C6 147 H . 1.59 4.06 15.33
O6 147 H . 0.56 4.97 14.86
O5 147 H . 2.66 5.68 17.03
O1 147 H . 3.56 7.19 18.68
C1' 147 H . 2.58 8.35 18.65
C2' 147 H . 1.23 8.29 18.20
C3' 147 H . 0.43 9.46 18.21
C4' 147 H . 1.01 10.74 18.72
C5' 147 H . 2.31 10.84 19.18
C6' 147 H . 3.12 9.67 19.17
N1' 147 H . 0.04 11.91 18.66
O2' 147 H . 0.09 12.73 19.54
O3' 147 H . -0.62 12.07 17.62
N1A COA I . -10.30 -11.60 -0.94
C2A COA I . -11.64 -11.82 -0.98
N3A COA I . -12.31 -12.77 -1.71
C4A COA I . -11.43 -13.55 -2.43
C5A COA I . -10.03 -13.41 -2.48
C6A COA I . -9.45 -12.40 -1.70
N6A COA I . -8.14 -12.18 -1.66
N7A COA I . -9.49 -14.34 -3.31
C8A COA I . -10.52 -15.01 -3.77
N9A COA I . -11.73 -14.60 -3.29
C1B COA I . -13.08 -15.12 -3.61
C2B COA I . -13.16 -15.53 -5.08
O2B COA I . -13.46 -14.41 -5.96
C3B COA I . -14.23 -16.57 -5.14
O3B COA I . -15.49 -15.95 -5.47
P3B COA I . -16.85 -16.78 -5.63
O7A COA I . -17.95 -15.84 -5.98
O8A COA I . -17.19 -17.48 -4.35
O9A COA I . -16.70 -17.79 -6.73
C4B COA I . -14.12 -17.22 -3.73
O4B COA I . -13.39 -16.28 -2.89
C5B COA I . -13.38 -18.59 -3.67
O5B COA I . -11.95 -18.50 -3.98
P1A COA I . -11.29 -19.48 -5.11
O1A COA I . -11.41 -18.85 -6.47
O2A COA I . -11.96 -20.80 -5.14
O3A COA I . -9.78 -19.61 -4.68
P2A COA I . -8.95 -20.30 -3.41
O4A COA I . -7.97 -21.32 -3.89
O5A COA I . -9.93 -20.98 -2.51
O6A COA I . -8.32 -18.90 -2.85
CBP COA I . -6.16 -17.41 -3.10
CCP COA I . -7.14 -18.47 -3.71
CDP COA I . -6.59 -17.03 -1.66
CEP COA I . -4.76 -18.01 -3.00
CAP COA I . -6.15 -16.13 -4.02
OAP COA I . -7.45 -15.61 -4.09
C9P COA I . -5.22 -14.91 -3.55
O9P COA I . -5.73 -13.80 -3.31
N8P COA I . -3.92 -15.09 -3.43
C7P COA I . -2.96 -14.03 -3.02
C6P COA I . -2.07 -13.70 -4.23
C5P COA I . -1.01 -12.63 -3.94
O5P COA I . -1.23 -11.69 -3.17
N4P COA I . 0.12 -12.83 -4.57
C3P COA I . 1.28 -11.93 -4.44
C2P COA I . 2.56 -12.61 -4.89
S1P COA I . 3.12 -13.93 -3.72
#